data_7OIJ
#
_entry.id   7OIJ
#
_cell.length_a   141.805
_cell.length_b   64.839
_cell.length_c   116.582
_cell.angle_alpha   90.000
_cell.angle_beta   103.655
_cell.angle_gamma   90.000
#
_symmetry.space_group_name_H-M   'C 1 2 1'
#
loop_
_entity.id
_entity.type
_entity.pdbx_description
1 polymer 'Phosphatidylinositol 4,5-bisphosphate 3-kinase catalytic subunit delta isoform'
2 non-polymer 6-[[5-[2-[(1S)-1-cyclopropylethyl]-7-(methylsulfamoyl)-1-oxidanylidene-3H-isoindol-5-yl]-4-methyl-1,3-thiazol-2-yl]amino]-N-[3-(dimethylamino)propyl]pyridine-2-carboxamide
3 non-polymer 'SODIUM ION'
4 non-polymer 'TRIETHYLENE GLYCOL'
5 water water
#
_entity_poly.entity_id   1
_entity_poly.type   'polypeptide(L)'
_entity_poly.pdbx_seq_one_letter_code
;MSYHNHNHNHNHNHNDYDIPTTENLYFQGAMDLMPPGVDCPMEFWTKEESQSVVVDFLLPTGVYLNFPVSRNANLSTIKQ
VLWHRAQYEPLFHMLSDPEAYVFTCVNQTAEQQELEDEQRRLCDIQPFLPVLRLVAREENLYFQGGDRVKKLINSQISLL
IGKGLHEFDSLRDPEVNDFRTKMRQFCEEAAAHRQQLGWVEWLQYSFPLQLEPSARGWRAGLLRVSNRALLVNVKFEGSE
ESFTFQVSTKDMPLALMACALRKKATVFRQPLVEQPEEYALQVNGRHEYLYGNYPLCHFQYICSCLHSGLTPHLTMVHSS
SILAMRDEQSNPAPQVQKPRAKPPPIPAKKPSSVSLWSLEQPFSIELIEGRKVNADERMKLVVQAGLFHGNEMLCKTVSS
SEVNVCSEPVWKQRLEFDISVCDLPRMARLCFALYAVVEKAKKARSTKKKSKKADCPIAWANLMLFDYKDQLKTGERCLY
MWPSVPDEKGELLNPAGTVRGNPNTESAAALVIYLPEVAPHPVYFPALEKILELGRHGERGRITEEEQLQLREILERRGS
GELYEHEKDLVWKMRHEVQEHFPEALARLLLVTKWNKHEDVAQMLYLLCSWPELPVLSALELLDFSFPDCYVGSFAIKSL
RKLTDDELFQYLLQLVQVLKYESYLDCELTKFLLGRALANRKIGHFLFWHLRSEMHVPSVALRFGLIMEAYCRGSTHHMK
VLMKQGEALSKLKALNDFVKVSSQKTTKPQTKEMMHMCMRQETYMEALSHLQSPLDPSTLLEEVCVEQCTFMDSKMKPLW
IMYSSEEAGSAGNVGIIFKNGDDLRQDMLTLQMIQLMDVLWKQEGLDLRMTPYGCLPTGDRTGLIEVVLHSDTIANIQLN
KSNMAATAAFNKDALLNWLKSKNPGEALDRAIEEFTLSCAGYCVATYVLGIGDRHSDNIMIRESGQLFHIDFGHFLGNFK
TKFGINRERVPFILTYDFVHVIQQGKTNNSEKFERFRGYCERAYTILRRHGLLFLHLFALMRAAGLPELSCSKDIQYLKD
SLALGKTEEEALKHFRVKFNEALRESWKTKVNWLAHNVSKDNRQ
;
_entity_poly.pdbx_strand_id   AAA
#
loop_
_chem_comp.id
_chem_comp.type
_chem_comp.name
_chem_comp.formula
NA non-polymer 'SODIUM ION' 'Na 1'
PGE non-polymer 'TRIETHYLENE GLYCOL' 'C6 H14 O4'
VEH non-polymer 6-[[5-[2-[(1S)-1-cyclopropylethyl]-7-(methylsulfamoyl)-1-oxidanylidene-3H-isoindol-5-yl]-4-methyl-1,3-thiazol-2-yl]amino]-N-[3-(dimethylamino)propyl]pyridine-2-carboxamide 'C29 H37 N7 O4 S2'
#
# COMPACT_ATOMS: atom_id res chain seq x y z
N VAL A 149 -3.50 -0.92 35.40
CA VAL A 149 -3.17 -1.73 34.18
C VAL A 149 -3.86 -1.08 32.98
N LYS A 150 -5.17 -0.80 33.12
CA LYS A 150 -5.96 0.13 32.27
C LYS A 150 -5.09 1.36 31.91
N LYS A 151 -4.58 2.08 32.91
CA LYS A 151 -3.82 3.35 32.74
C LYS A 151 -2.50 3.04 32.02
N LEU A 152 -1.81 1.96 32.39
CA LEU A 152 -0.53 1.56 31.72
C LEU A 152 -0.77 1.37 30.20
N ILE A 153 -1.82 0.64 29.82
CA ILE A 153 -2.18 0.35 28.40
C ILE A 153 -2.37 1.69 27.70
N ASN A 154 -3.15 2.60 28.30
CA ASN A 154 -3.38 3.94 27.71
C ASN A 154 -2.04 4.62 27.46
N SER A 155 -1.10 4.62 28.41
CA SER A 155 0.22 5.30 28.19
C SER A 155 1.03 4.55 27.11
N GLN A 156 0.92 3.23 27.06
CA GLN A 156 1.61 2.39 26.03
C GLN A 156 1.02 2.68 24.63
N ILE A 157 -0.30 2.82 24.48
CA ILE A 157 -0.93 3.15 23.16
C ILE A 157 -0.51 4.56 22.77
N SER A 158 -0.53 5.51 23.71
CA SER A 158 -0.10 6.90 23.44
C SER A 158 1.33 6.91 22.88
N LEU A 159 2.25 6.18 23.52
CA LEU A 159 3.68 6.12 23.09
C LEU A 159 3.74 5.53 21.67
N LEU A 160 3.05 4.42 21.46
CA LEU A 160 3.16 3.63 20.20
C LEU A 160 2.61 4.46 19.02
N ILE A 161 1.44 5.09 19.18
CA ILE A 161 0.79 5.77 18.02
C ILE A 161 1.39 7.15 17.83
N GLY A 162 2.13 7.68 18.82
CA GLY A 162 2.82 8.99 18.76
C GLY A 162 1.88 10.16 19.04
N LYS A 163 0.83 9.94 19.83
CA LYS A 163 -0.23 10.94 20.14
C LYS A 163 -0.86 10.54 21.47
N GLY A 164 -0.92 11.46 22.45
CA GLY A 164 -1.54 11.17 23.75
C GLY A 164 -3.02 10.91 23.59
N LEU A 165 -3.55 9.86 24.20
CA LEU A 165 -5.01 9.51 24.17
C LEU A 165 -5.80 10.67 24.82
N HIS A 166 -5.15 11.40 25.74
CA HIS A 166 -5.72 12.58 26.46
C HIS A 166 -6.13 13.67 25.44
N GLU A 167 -5.40 13.79 24.33
CA GLU A 167 -5.66 14.79 23.25
C GLU A 167 -7.03 14.51 22.61
N PHE A 168 -7.43 13.26 22.48
CA PHE A 168 -8.73 12.87 21.90
C PHE A 168 -9.84 13.44 22.78
N ASP A 169 -9.78 13.21 24.09
CA ASP A 169 -10.79 13.65 25.09
C ASP A 169 -10.93 15.19 25.04
N SER A 170 -9.82 15.90 24.85
CA SER A 170 -9.70 17.38 24.89
C SER A 170 -10.39 18.01 23.70
N LEU A 171 -10.69 17.23 22.65
CA LEU A 171 -11.39 17.74 21.45
C LEU A 171 -12.85 18.04 21.80
N ARG A 172 -13.41 17.35 22.79
CA ARG A 172 -14.83 17.46 23.21
C ARG A 172 -15.71 17.19 21.99
N ASP A 173 -15.33 16.20 21.18
CA ASP A 173 -15.91 15.90 19.84
C ASP A 173 -16.78 14.65 19.99
N PRO A 174 -18.12 14.80 19.88
CA PRO A 174 -19.02 13.66 20.03
C PRO A 174 -18.75 12.59 18.95
N GLU A 175 -18.40 13.00 17.72
CA GLU A 175 -18.14 12.04 16.62
C GLU A 175 -16.89 11.22 17.00
N VAL A 176 -15.87 11.89 17.52
CA VAL A 176 -14.62 11.22 18.00
C VAL A 176 -14.97 10.25 19.12
N ASN A 177 -15.73 10.71 20.12
CA ASN A 177 -16.06 9.89 21.32
C ASN A 177 -16.84 8.66 20.87
N ASP A 178 -17.76 8.84 19.91
CA ASP A 178 -18.69 7.77 19.47
C ASP A 178 -17.88 6.75 18.65
N PHE A 179 -16.93 7.24 17.85
CA PHE A 179 -15.97 6.39 17.11
C PHE A 179 -15.21 5.51 18.11
N ARG A 180 -14.61 6.12 19.14
CA ARG A 180 -13.74 5.40 20.08
C ARG A 180 -14.52 4.37 20.87
N THR A 181 -15.73 4.67 21.34
CA THR A 181 -16.51 3.67 22.13
C THR A 181 -17.00 2.55 21.22
N LYS A 182 -17.52 2.83 20.02
CA LYS A 182 -18.06 1.79 19.10
C LYS A 182 -16.94 0.85 18.64
N MET A 183 -15.81 1.41 18.18
CA MET A 183 -14.72 0.60 17.59
C MET A 183 -13.97 -0.16 18.70
N ARG A 184 -13.97 0.35 19.93
CA ARG A 184 -13.33 -0.34 21.05
C ARG A 184 -14.11 -1.62 21.33
N GLN A 185 -15.43 -1.51 21.33
CA GLN A 185 -16.37 -2.63 21.52
C GLN A 185 -16.17 -3.62 20.36
N PHE A 186 -16.06 -3.14 19.14
CA PHE A 186 -15.89 -4.01 17.94
C PHE A 186 -14.56 -4.77 18.02
N CYS A 187 -13.48 -4.07 18.37
CA CYS A 187 -12.13 -4.69 18.43
C CYS A 187 -12.05 -5.65 19.63
N GLU A 188 -12.67 -5.32 20.77
CA GLU A 188 -12.67 -6.21 21.95
C GLU A 188 -13.47 -7.49 21.68
N GLU A 189 -14.58 -7.41 20.93
CA GLU A 189 -15.35 -8.60 20.50
C GLU A 189 -14.46 -9.46 19.58
N ALA A 190 -13.70 -8.82 18.70
CA ALA A 190 -12.77 -9.54 17.79
C ALA A 190 -11.74 -10.26 18.66
N ALA A 191 -11.18 -9.61 19.69
CA ALA A 191 -10.20 -10.24 20.63
C ALA A 191 -10.83 -11.45 21.34
N ALA A 192 -12.11 -11.37 21.76
CA ALA A 192 -12.74 -12.48 22.54
C ALA A 192 -12.78 -13.74 21.68
N HIS A 193 -13.21 -13.61 20.42
CA HIS A 193 -13.30 -14.70 19.40
C HIS A 193 -11.89 -15.28 19.16
N ARG A 194 -10.87 -14.43 19.09
CA ARG A 194 -9.48 -14.87 18.77
C ARG A 194 -8.93 -15.76 19.90
N GLN A 195 -9.22 -15.43 21.15
CA GLN A 195 -8.60 -16.12 22.31
C GLN A 195 -9.24 -17.51 22.50
N GLN A 196 -10.34 -17.77 21.81
CA GLN A 196 -11.00 -19.10 21.85
C GLN A 196 -10.90 -19.86 20.51
N LEU A 197 -10.16 -19.33 19.52
CA LEU A 197 -9.91 -20.10 18.28
C LEU A 197 -9.34 -21.48 18.67
N GLY A 198 -9.65 -22.50 17.89
CA GLY A 198 -8.91 -23.77 17.94
C GLY A 198 -7.48 -23.57 17.43
N TRP A 199 -6.62 -24.54 17.68
CA TRP A 199 -5.17 -24.34 17.50
C TRP A 199 -4.85 -24.16 16.01
N VAL A 200 -5.60 -24.80 15.11
CA VAL A 200 -5.34 -24.67 13.65
C VAL A 200 -5.82 -23.28 13.21
N GLU A 201 -6.92 -22.81 13.80
CA GLU A 201 -7.50 -21.47 13.53
C GLU A 201 -6.50 -20.41 14.01
N TRP A 202 -5.91 -20.60 15.18
CA TRP A 202 -4.93 -19.62 15.75
C TRP A 202 -3.70 -19.58 14.82
N LEU A 203 -3.21 -20.73 14.33
CA LEU A 203 -2.14 -20.76 13.28
C LEU A 203 -2.53 -19.87 12.09
N GLN A 204 -3.76 -20.03 11.59
CA GLN A 204 -4.27 -19.27 10.42
C GLN A 204 -4.28 -17.77 10.77
N TYR A 205 -4.57 -17.44 12.03
CA TYR A 205 -4.57 -16.03 12.49
C TYR A 205 -3.13 -15.48 12.56
N SER A 206 -2.26 -16.18 13.29
CA SER A 206 -0.92 -15.68 13.66
C SER A 206 0.13 -15.94 12.55
N PHE A 207 0.03 -17.08 11.89
CA PHE A 207 1.05 -17.53 10.89
C PHE A 207 0.34 -17.89 9.59
N PRO A 208 -0.34 -16.91 8.94
CA PRO A 208 -1.10 -17.18 7.73
C PRO A 208 -0.16 -17.75 6.65
N LEU A 209 -0.62 -18.71 5.87
CA LEU A 209 0.26 -19.48 4.94
C LEU A 209 0.79 -18.54 3.87
N GLN A 210 2.06 -18.73 3.53
CA GLN A 210 2.74 -17.99 2.45
C GLN A 210 2.87 -18.97 1.30
N LEU A 211 1.91 -18.95 0.38
CA LEU A 211 1.87 -19.88 -0.78
C LEU A 211 2.36 -19.14 -2.02
N GLU A 212 2.92 -19.85 -2.99
CA GLU A 212 3.26 -19.25 -4.32
C GLU A 212 1.97 -18.89 -5.05
N PRO A 213 1.96 -17.80 -5.84
CA PRO A 213 0.74 -17.33 -6.53
C PRO A 213 -0.03 -18.27 -7.48
N ASN A 227 7.01 -36.36 -7.89
CA ASN A 227 7.40 -35.43 -8.98
C ASN A 227 8.93 -35.26 -8.98
N ARG A 228 9.50 -34.57 -7.98
CA ARG A 228 10.97 -34.31 -7.91
C ARG A 228 11.47 -34.36 -6.47
N ALA A 229 12.72 -34.79 -6.28
CA ALA A 229 13.29 -35.14 -4.95
C ALA A 229 13.78 -33.89 -4.23
N LEU A 230 13.61 -33.80 -2.92
CA LEU A 230 14.36 -32.81 -2.12
C LEU A 230 14.56 -33.31 -0.68
N LEU A 231 15.67 -32.91 -0.11
CA LEU A 231 16.07 -33.21 1.29
C LEU A 231 15.49 -32.13 2.20
N VAL A 232 14.87 -32.54 3.30
CA VAL A 232 14.39 -31.62 4.36
C VAL A 232 14.98 -32.10 5.68
N ASN A 233 15.42 -31.16 6.50
CA ASN A 233 15.86 -31.44 7.87
C ASN A 233 14.69 -31.14 8.80
N VAL A 234 14.32 -32.10 9.64
CA VAL A 234 13.26 -31.93 10.67
C VAL A 234 13.81 -32.28 12.04
N LYS A 235 13.52 -31.44 13.03
CA LYS A 235 13.72 -31.72 14.47
C LYS A 235 12.39 -31.51 15.18
N PHE A 236 12.31 -31.92 16.45
CA PHE A 236 11.21 -31.62 17.40
C PHE A 236 11.58 -30.41 18.26
N GLU A 237 10.57 -29.67 18.71
CA GLU A 237 10.68 -28.28 19.26
C GLU A 237 11.73 -28.20 20.38
N GLY A 238 11.86 -29.21 21.24
CA GLY A 238 12.80 -29.20 22.37
C GLY A 238 13.89 -30.27 22.25
N SER A 239 14.73 -30.19 21.21
CA SER A 239 15.78 -31.21 20.93
C SER A 239 16.83 -30.66 19.97
N GLU A 240 18.09 -31.04 20.18
CA GLU A 240 19.22 -30.76 19.26
C GLU A 240 19.15 -31.73 18.07
N GLU A 241 18.80 -33.00 18.34
CA GLU A 241 18.82 -34.09 17.33
C GLU A 241 17.76 -33.83 16.25
N SER A 242 18.09 -34.18 15.02
CA SER A 242 17.30 -33.85 13.82
C SER A 242 17.60 -34.89 12.75
N PHE A 243 16.63 -35.15 11.88
CA PHE A 243 16.74 -36.17 10.82
C PHE A 243 16.60 -35.43 9.50
N THR A 244 17.54 -35.65 8.57
CA THR A 244 17.42 -35.22 7.17
C THR A 244 16.70 -36.34 6.39
N PHE A 245 15.54 -36.01 5.80
CA PHE A 245 14.62 -36.93 5.09
C PHE A 245 14.64 -36.63 3.60
N GLN A 246 14.46 -37.65 2.77
CA GLN A 246 14.21 -37.44 1.32
C GLN A 246 12.68 -37.48 1.13
N VAL A 247 12.11 -36.42 0.54
CA VAL A 247 10.65 -36.39 0.23
C VAL A 247 10.54 -35.91 -1.21
N SER A 248 9.32 -35.86 -1.73
CA SER A 248 9.02 -35.27 -3.06
C SER A 248 8.51 -33.84 -2.89
N THR A 249 8.74 -33.02 -3.91
CA THR A 249 8.18 -31.65 -4.00
C THR A 249 6.65 -31.72 -3.98
N LYS A 250 6.05 -32.88 -4.29
CA LYS A 250 4.56 -33.03 -4.37
C LYS A 250 3.99 -33.59 -3.06
N ASP A 251 4.83 -33.98 -2.10
CA ASP A 251 4.32 -34.50 -0.81
C ASP A 251 3.70 -33.34 -0.02
N MET A 252 2.69 -33.63 0.78
CA MET A 252 2.04 -32.70 1.73
C MET A 252 2.83 -32.67 3.04
N PRO A 253 2.70 -31.59 3.83
CA PRO A 253 3.24 -31.55 5.19
C PRO A 253 2.95 -32.80 6.04
N LEU A 254 1.72 -33.27 5.98
CA LEU A 254 1.28 -34.43 6.79
C LEU A 254 2.21 -35.63 6.57
N ALA A 255 2.57 -35.91 5.31
CA ALA A 255 3.49 -37.00 4.90
C ALA A 255 4.79 -36.81 5.66
N LEU A 256 5.32 -35.59 5.59
CA LEU A 256 6.64 -35.23 6.12
C LEU A 256 6.60 -35.37 7.65
N MET A 257 5.49 -34.97 8.29
CA MET A 257 5.31 -35.03 9.75
C MET A 257 5.16 -36.51 10.19
N ALA A 258 4.46 -37.34 9.41
CA ALA A 258 4.36 -38.80 9.64
C ALA A 258 5.77 -39.41 9.66
N CYS A 259 6.62 -39.05 8.68
CA CYS A 259 8.02 -39.56 8.58
C CYS A 259 8.77 -39.22 9.86
N ALA A 260 8.74 -37.95 10.24
CA ALA A 260 9.37 -37.41 11.46
C ALA A 260 8.97 -38.27 12.67
N LEU A 261 7.67 -38.51 12.89
CA LEU A 261 7.17 -39.19 14.11
C LEU A 261 7.57 -40.68 14.11
N ARG A 262 7.61 -41.32 12.94
CA ARG A 262 8.08 -42.72 12.80
C ARG A 262 9.56 -42.75 13.17
N LYS A 263 10.35 -41.79 12.70
CA LYS A 263 11.80 -41.71 13.03
C LYS A 263 11.94 -41.55 14.55
N LYS A 264 11.15 -40.67 15.18
CA LYS A 264 11.23 -40.37 16.63
C LYS A 264 10.96 -41.65 17.43
N ALA A 265 10.02 -42.48 16.96
CA ALA A 265 9.47 -43.67 17.66
C ALA A 265 10.48 -44.83 17.65
N THR A 266 11.35 -44.92 16.63
CA THR A 266 12.45 -45.91 16.58
C THR A 266 13.64 -45.40 17.41
N VAL A 267 13.82 -44.08 17.52
CA VAL A 267 14.93 -43.44 18.31
C VAL A 267 14.56 -43.38 19.81
N PHE A 268 13.31 -43.05 20.16
CA PHE A 268 12.81 -42.99 21.57
C PHE A 268 12.18 -44.34 21.95
N ARG A 269 12.34 -45.37 21.11
CA ARG A 269 11.77 -46.74 21.32
C ARG A 269 10.26 -46.62 21.63
N GLN A 270 9.59 -45.65 21.01
CA GLN A 270 8.16 -45.33 21.22
C GLN A 270 7.90 -45.11 22.73
N GLN A 275 0.75 -39.33 16.17
CA GLN A 275 -0.40 -38.78 15.39
C GLN A 275 0.02 -37.49 14.68
N PRO A 276 0.31 -37.52 13.35
CA PRO A 276 0.85 -36.34 12.66
C PRO A 276 -0.11 -35.15 12.66
N GLU A 277 -1.41 -35.42 12.73
CA GLU A 277 -2.51 -34.40 12.76
C GLU A 277 -2.36 -33.43 13.93
N GLU A 278 -1.57 -33.74 14.96
CA GLU A 278 -1.47 -32.91 16.20
C GLU A 278 -0.32 -31.90 16.09
N TYR A 279 0.29 -31.73 14.91
CA TYR A 279 1.53 -30.92 14.73
C TYR A 279 1.41 -29.96 13.55
N ALA A 280 2.25 -28.93 13.58
CA ALA A 280 2.53 -28.07 12.42
C ALA A 280 4.06 -27.99 12.25
N LEU A 281 4.54 -27.71 11.06
CA LEU A 281 6.00 -27.57 10.83
C LEU A 281 6.37 -26.08 10.86
N GLN A 282 7.17 -25.70 11.85
CA GLN A 282 7.77 -24.36 11.92
C GLN A 282 9.01 -24.31 11.03
N VAL A 283 9.15 -23.26 10.25
CA VAL A 283 10.45 -22.92 9.61
C VAL A 283 11.38 -22.45 10.73
N ASN A 284 12.52 -23.11 10.88
CA ASN A 284 13.41 -22.86 12.05
C ASN A 284 13.73 -21.37 12.13
N GLY A 285 13.61 -20.82 13.35
CA GLY A 285 13.89 -19.42 13.69
C GLY A 285 13.07 -18.40 12.92
N ARG A 286 11.91 -18.78 12.34
CA ARG A 286 10.96 -17.82 11.70
C ARG A 286 9.56 -18.03 12.30
N HIS A 287 8.75 -16.96 12.25
CA HIS A 287 7.29 -16.99 12.56
C HIS A 287 6.54 -17.36 11.29
N GLU A 288 6.84 -18.55 10.78
CA GLU A 288 6.26 -19.07 9.54
C GLU A 288 6.09 -20.57 9.71
N TYR A 289 4.94 -21.08 9.30
CA TYR A 289 4.57 -22.50 9.45
C TYR A 289 4.13 -23.05 8.13
N LEU A 290 4.47 -24.32 7.89
CA LEU A 290 3.93 -25.16 6.78
C LEU A 290 2.85 -26.05 7.39
N TYR A 291 1.64 -25.92 6.87
CA TYR A 291 0.49 -26.76 7.26
C TYR A 291 -0.51 -26.74 6.09
N GLY A 292 -1.51 -27.60 6.17
CA GLY A 292 -2.63 -27.67 5.22
C GLY A 292 -2.37 -28.61 4.07
N ASN A 293 -3.37 -28.75 3.19
CA ASN A 293 -3.39 -29.72 2.07
C ASN A 293 -2.76 -29.07 0.85
N TYR A 294 -1.50 -28.72 0.96
CA TYR A 294 -0.73 -28.12 -0.14
C TYR A 294 0.56 -28.93 -0.29
N PRO A 295 0.98 -29.24 -1.53
CA PRO A 295 2.26 -29.90 -1.72
C PRO A 295 3.34 -28.90 -1.33
N LEU A 296 4.46 -29.43 -0.85
CA LEU A 296 5.61 -28.65 -0.36
C LEU A 296 6.00 -27.57 -1.37
N CYS A 297 5.99 -27.85 -2.68
CA CYS A 297 6.49 -26.85 -3.67
C CYS A 297 5.49 -25.70 -3.86
N HIS A 298 4.31 -25.73 -3.22
CA HIS A 298 3.34 -24.60 -3.20
C HIS A 298 3.70 -23.58 -2.10
N PHE A 299 4.49 -23.95 -1.08
CA PHE A 299 4.89 -23.01 0.02
C PHE A 299 6.05 -22.13 -0.45
N GLN A 300 5.99 -20.80 -0.22
CA GLN A 300 7.04 -19.85 -0.71
C GLN A 300 8.40 -20.23 -0.13
N TYR A 301 8.43 -20.66 1.11
CA TYR A 301 9.70 -21.07 1.76
C TYR A 301 10.33 -22.22 0.97
N ILE A 302 9.56 -23.26 0.68
CA ILE A 302 10.10 -24.43 -0.07
C ILE A 302 10.56 -23.97 -1.45
N CYS A 303 9.73 -23.23 -2.19
CA CYS A 303 10.11 -22.68 -3.54
C CYS A 303 11.43 -21.93 -3.43
N SER A 304 11.55 -21.09 -2.40
CA SER A 304 12.76 -20.30 -2.09
C SER A 304 13.97 -21.25 -2.00
N CYS A 305 13.86 -22.31 -1.19
CA CYS A 305 14.90 -23.34 -0.98
C CYS A 305 15.23 -24.02 -2.31
N LEU A 306 14.23 -24.36 -3.13
CA LEU A 306 14.47 -25.04 -4.44
C LEU A 306 15.25 -24.13 -5.40
N HIS A 307 14.98 -22.83 -5.47
CA HIS A 307 15.68 -21.91 -6.41
C HIS A 307 17.11 -21.67 -5.92
N SER A 308 17.29 -21.50 -4.61
CA SER A 308 18.58 -21.10 -3.99
C SER A 308 19.43 -22.35 -3.68
N GLY A 309 18.87 -23.55 -3.89
CA GLY A 309 19.53 -24.85 -3.65
C GLY A 309 19.79 -25.11 -2.17
N LEU A 310 19.00 -24.49 -1.29
CA LEU A 310 19.19 -24.59 0.18
C LEU A 310 18.28 -25.71 0.69
N THR A 311 18.65 -26.33 1.82
CA THR A 311 17.91 -27.43 2.48
C THR A 311 16.87 -26.86 3.45
N PRO A 312 15.55 -27.08 3.23
CA PRO A 312 14.55 -26.63 4.19
C PRO A 312 14.91 -27.18 5.58
N HIS A 313 14.79 -26.34 6.60
CA HIS A 313 15.03 -26.67 8.02
C HIS A 313 13.71 -26.37 8.74
N LEU A 314 13.04 -27.41 9.25
CA LEU A 314 11.69 -27.33 9.84
C LEU A 314 11.68 -27.98 11.22
N THR A 315 10.81 -27.49 12.10
CA THR A 315 10.63 -27.95 13.49
C THR A 315 9.20 -28.44 13.69
N MET A 316 9.06 -29.66 14.19
CA MET A 316 7.75 -30.26 14.54
C MET A 316 7.25 -29.56 15.80
N VAL A 317 6.11 -28.86 15.71
CA VAL A 317 5.52 -28.13 16.88
C VAL A 317 4.17 -28.76 17.19
N HIS A 318 3.99 -29.17 18.42
CA HIS A 318 2.77 -29.87 18.90
C HIS A 318 1.65 -28.86 19.18
N SER A 319 0.39 -29.27 19.01
CA SER A 319 -0.82 -28.42 19.21
C SER A 319 -0.78 -27.70 20.57
N SER A 320 -0.30 -28.37 21.62
CA SER A 320 -0.26 -27.85 23.03
C SER A 320 0.68 -26.63 23.11
N SER A 321 1.77 -26.64 22.33
CA SER A 321 2.74 -25.53 22.23
C SER A 321 2.07 -24.31 21.53
N ILE A 322 1.23 -24.58 20.53
CA ILE A 322 0.51 -23.51 19.78
C ILE A 322 -0.56 -22.86 20.68
N LEU A 323 -1.31 -23.65 21.45
CA LEU A 323 -2.34 -23.15 22.41
C LEU A 323 -1.68 -22.37 23.56
N ALA A 324 -0.47 -22.78 23.96
CA ALA A 324 0.39 -22.01 24.89
C ALA A 324 0.64 -20.60 24.34
N MET A 325 0.98 -20.48 23.05
CA MET A 325 1.18 -19.15 22.42
C MET A 325 -0.14 -18.36 22.40
N ARG A 326 -1.27 -19.00 22.11
CA ARG A 326 -2.60 -18.32 22.06
C ARG A 326 -2.90 -17.74 23.45
N ASP A 327 -2.76 -18.59 24.47
CA ASP A 327 -3.09 -18.28 25.89
C ASP A 327 -2.20 -17.16 26.40
N GLU A 328 -0.89 -17.18 26.13
CA GLU A 328 0.04 -16.13 26.64
C GLU A 328 -0.25 -14.79 25.93
N GLN A 329 -0.94 -14.77 24.79
CA GLN A 329 -1.10 -13.51 24.01
C GLN A 329 -2.49 -12.90 24.21
N SER A 330 -3.17 -13.22 25.31
CA SER A 330 -4.56 -12.80 25.60
C SER A 330 -4.58 -11.35 26.11
N ASN A 331 -5.74 -10.68 26.04
CA ASN A 331 -5.92 -9.25 26.39
C ASN A 331 -5.75 -9.04 27.90
N LEU A 356 -36.00 18.04 5.21
CA LEU A 356 -36.40 16.82 4.47
C LEU A 356 -36.87 17.22 3.06
N TRP A 357 -37.79 16.47 2.42
CA TRP A 357 -38.24 16.69 1.02
C TRP A 357 -39.04 17.99 0.88
N SER A 358 -39.48 18.56 2.01
CA SER A 358 -40.39 19.74 2.12
C SER A 358 -39.67 21.04 1.76
N LEU A 359 -38.35 21.08 1.87
CA LEU A 359 -37.58 22.34 1.85
C LEU A 359 -37.16 22.65 0.42
N GLU A 360 -38.00 23.39 -0.32
CA GLU A 360 -37.79 23.67 -1.76
C GLU A 360 -37.01 24.97 -1.97
N GLN A 361 -36.74 25.74 -0.93
CA GLN A 361 -36.04 27.05 -1.10
C GLN A 361 -34.59 26.78 -1.53
N PRO A 362 -33.95 27.72 -2.27
CA PRO A 362 -32.55 27.57 -2.63
C PRO A 362 -31.69 27.36 -1.38
N PHE A 363 -30.62 26.55 -1.47
CA PHE A 363 -29.61 26.42 -0.40
C PHE A 363 -28.79 27.72 -0.40
N SER A 364 -28.49 28.17 0.80
CA SER A 364 -27.89 29.50 1.03
C SER A 364 -27.14 29.50 2.36
N ILE A 365 -26.10 30.31 2.44
CA ILE A 365 -25.32 30.49 3.68
C ILE A 365 -25.07 31.98 3.85
N GLU A 366 -24.71 32.38 5.07
CA GLU A 366 -24.11 33.71 5.38
C GLU A 366 -22.60 33.54 5.61
N LEU A 367 -21.80 34.15 4.73
CA LEU A 367 -20.35 34.40 4.94
C LEU A 367 -20.19 35.61 5.88
N ILE A 368 -19.72 35.38 7.11
CA ILE A 368 -19.66 36.42 8.19
C ILE A 368 -18.34 37.18 8.07
N GLU A 369 -17.20 36.51 8.23
CA GLU A 369 -15.88 37.20 8.32
C GLU A 369 -14.71 36.20 8.35
N GLY A 370 -13.48 36.71 8.18
CA GLY A 370 -12.22 35.94 8.26
C GLY A 370 -11.17 36.59 9.17
N ARG A 371 -9.93 36.09 9.08
CA ARG A 371 -8.72 36.36 9.93
C ARG A 371 -7.50 35.69 9.28
N LYS A 372 -6.46 36.44 8.87
CA LYS A 372 -5.47 35.96 7.86
C LYS A 372 -4.52 37.06 7.38
N VAL A 373 -3.54 36.69 6.55
CA VAL A 373 -2.39 37.54 6.09
C VAL A 373 -2.26 37.45 4.56
N ASN A 374 -2.13 38.58 3.86
CA ASN A 374 -1.74 38.63 2.42
C ASN A 374 -1.50 40.08 1.95
N ALA A 375 -1.06 40.27 0.71
CA ALA A 375 -0.99 41.57 0.00
C ALA A 375 -2.41 42.06 -0.31
N MET A 379 -4.39 44.59 -2.86
CA MET A 379 -5.32 43.57 -3.46
C MET A 379 -6.58 43.47 -2.59
N LYS A 380 -7.60 42.74 -3.04
CA LYS A 380 -8.88 42.53 -2.28
C LYS A 380 -9.08 41.03 -2.06
N LEU A 381 -9.90 40.67 -1.06
CA LEU A 381 -10.25 39.26 -0.75
C LEU A 381 -11.60 38.90 -1.36
N VAL A 382 -11.66 37.68 -1.93
CA VAL A 382 -12.83 37.03 -2.60
C VAL A 382 -12.89 35.61 -2.05
N VAL A 383 -14.03 35.18 -1.50
CA VAL A 383 -14.35 33.78 -1.12
C VAL A 383 -15.27 33.16 -2.19
N GLN A 384 -14.75 32.15 -2.89
CA GLN A 384 -15.53 31.27 -3.79
C GLN A 384 -16.03 30.08 -2.98
N ALA A 385 -17.27 29.67 -3.23
CA ALA A 385 -17.97 28.58 -2.54
C ALA A 385 -18.64 27.73 -3.63
N GLY A 386 -18.52 26.41 -3.52
CA GLY A 386 -19.20 25.45 -4.41
C GLY A 386 -19.88 24.38 -3.60
N LEU A 387 -20.88 23.71 -4.19
CA LEU A 387 -21.48 22.48 -3.63
C LEU A 387 -21.03 21.33 -4.54
N PHE A 388 -20.49 20.28 -3.91
CA PHE A 388 -19.86 19.16 -4.63
C PHE A 388 -20.46 17.86 -4.13
N HIS A 389 -20.49 16.89 -5.04
CA HIS A 389 -20.75 15.48 -4.75
C HIS A 389 -19.60 14.70 -5.40
N GLY A 390 -18.54 14.44 -4.64
CA GLY A 390 -17.25 14.02 -5.21
C GLY A 390 -16.61 15.16 -5.97
N ASN A 391 -16.16 14.89 -7.20
CA ASN A 391 -15.53 15.83 -8.16
C ASN A 391 -16.57 16.72 -8.85
N GLU A 392 -17.85 16.32 -8.85
CA GLU A 392 -18.89 16.93 -9.70
C GLU A 392 -19.64 18.01 -8.90
N MET A 393 -19.75 19.21 -9.47
CA MET A 393 -20.50 20.31 -8.82
C MET A 393 -21.99 19.98 -8.83
N LEU A 394 -22.70 20.30 -7.76
CA LEU A 394 -24.16 20.12 -7.65
C LEU A 394 -24.89 21.34 -8.23
N CYS A 395 -24.17 22.41 -8.52
CA CYS A 395 -24.66 23.67 -9.15
C CYS A 395 -23.48 24.60 -9.40
N LYS A 396 -23.70 25.75 -10.05
CA LYS A 396 -22.57 26.67 -10.33
C LYS A 396 -22.01 27.17 -8.99
N THR A 397 -20.72 27.50 -9.00
CA THR A 397 -19.99 28.08 -7.85
C THR A 397 -20.48 29.52 -7.67
N VAL A 398 -20.47 30.04 -6.44
CA VAL A 398 -20.88 31.43 -6.14
C VAL A 398 -19.70 32.14 -5.46
N SER A 399 -19.48 33.41 -5.84
CA SER A 399 -18.36 34.28 -5.38
C SER A 399 -18.90 35.32 -4.40
N SER A 400 -18.03 35.71 -3.48
CA SER A 400 -18.16 36.84 -2.52
C SER A 400 -18.08 38.16 -3.30
N SER A 401 -18.58 39.27 -2.70
CA SER A 401 -18.18 40.64 -3.09
C SER A 401 -16.72 40.86 -2.67
N GLU A 402 -15.97 41.63 -3.46
CA GLU A 402 -14.54 41.98 -3.20
C GLU A 402 -14.47 42.89 -1.96
N VAL A 403 -13.53 42.60 -1.05
CA VAL A 403 -13.27 43.41 0.18
C VAL A 403 -11.77 43.69 0.24
N ASN A 404 -11.34 44.83 0.79
CA ASN A 404 -9.89 45.16 0.91
C ASN A 404 -9.25 44.11 1.83
N VAL A 405 -8.03 43.65 1.49
CA VAL A 405 -7.22 42.67 2.27
C VAL A 405 -7.06 43.15 3.72
N CYS A 406 -7.10 44.47 3.94
CA CYS A 406 -7.28 45.04 5.31
C CYS A 406 -8.16 44.06 6.08
N SER A 407 -7.84 43.79 7.34
CA SER A 407 -8.62 42.88 8.24
C SER A 407 -7.97 41.50 8.25
N GLU A 408 -8.59 40.45 8.83
CA GLU A 408 -9.76 40.45 9.71
C GLU A 408 -11.08 40.61 8.94
N PRO A 409 -11.17 40.24 7.65
CA PRO A 409 -12.20 40.76 6.74
C PRO A 409 -13.64 40.48 7.21
N VAL A 410 -14.56 41.38 6.85
CA VAL A 410 -16.02 41.24 7.12
C VAL A 410 -16.74 41.25 5.76
N TRP A 411 -17.72 40.34 5.58
CA TRP A 411 -18.60 40.26 4.38
C TRP A 411 -20.06 40.44 4.82
N LYS A 412 -20.48 39.71 5.86
CA LYS A 412 -21.87 39.50 6.34
C LYS A 412 -22.87 39.53 5.18
N GLN A 413 -22.64 38.73 4.12
CA GLN A 413 -23.58 38.59 2.97
C GLN A 413 -24.02 37.13 2.82
N ARG A 414 -25.29 36.92 2.43
CA ARG A 414 -25.85 35.61 1.97
C ARG A 414 -25.18 35.25 0.65
N LEU A 415 -24.72 34.01 0.52
CA LEU A 415 -24.45 33.36 -0.78
C LEU A 415 -25.57 32.33 -1.01
N GLU A 416 -26.22 32.40 -2.17
CA GLU A 416 -27.38 31.55 -2.53
C GLU A 416 -27.00 30.66 -3.72
N PHE A 417 -27.30 29.37 -3.63
CA PHE A 417 -26.86 28.36 -4.63
C PHE A 417 -28.03 28.00 -5.53
N ASP A 418 -27.74 27.70 -6.80
CA ASP A 418 -28.77 27.28 -7.79
C ASP A 418 -29.07 25.80 -7.59
N ILE A 419 -29.62 25.44 -6.44
CA ILE A 419 -30.00 24.05 -6.09
C ILE A 419 -30.92 24.12 -4.88
N SER A 420 -32.00 23.34 -4.85
CA SER A 420 -32.96 23.31 -3.72
C SER A 420 -32.37 22.51 -2.58
N VAL A 421 -32.83 22.76 -1.35
CA VAL A 421 -32.36 22.15 -0.08
C VAL A 421 -32.81 20.68 0.01
N CYS A 422 -34.00 20.38 -0.52
CA CYS A 422 -34.57 19.01 -0.69
C CYS A 422 -33.65 18.19 -1.62
N ASP A 423 -32.91 18.86 -2.50
CA ASP A 423 -32.13 18.20 -3.58
C ASP A 423 -30.66 17.96 -3.16
N LEU A 424 -30.26 18.32 -1.94
CA LEU A 424 -28.89 18.10 -1.43
C LEU A 424 -28.68 16.60 -1.20
N PRO A 425 -27.77 15.92 -1.95
CA PRO A 425 -27.51 14.51 -1.70
C PRO A 425 -26.83 14.33 -0.32
N ARG A 426 -26.93 13.14 0.26
CA ARG A 426 -26.46 12.85 1.65
C ARG A 426 -24.99 13.24 1.85
N MET A 427 -24.16 13.07 0.84
CA MET A 427 -22.68 13.25 0.95
C MET A 427 -22.28 14.59 0.32
N ALA A 428 -23.21 15.55 0.26
CA ALA A 428 -22.95 16.90 -0.29
C ALA A 428 -21.88 17.59 0.53
N ARG A 429 -20.98 18.26 -0.17
CA ARG A 429 -19.75 18.89 0.34
C ARG A 429 -19.79 20.37 -0.02
N LEU A 430 -19.73 21.25 0.99
CA LEU A 430 -19.61 22.72 0.77
C LEU A 430 -18.13 23.06 0.85
N CYS A 431 -17.57 23.58 -0.24
CA CYS A 431 -16.13 23.79 -0.45
C CYS A 431 -15.86 25.28 -0.65
N PHE A 432 -14.88 25.81 0.09
CA PHE A 432 -14.50 27.24 0.09
C PHE A 432 -13.07 27.40 -0.40
N ALA A 433 -12.80 28.53 -1.03
CA ALA A 433 -11.44 29.00 -1.37
C ALA A 433 -11.41 30.51 -1.11
N LEU A 434 -10.46 30.92 -0.28
CA LEU A 434 -10.09 32.35 -0.02
C LEU A 434 -8.86 32.68 -0.86
N TYR A 435 -8.94 33.74 -1.66
CA TYR A 435 -7.85 34.19 -2.56
C TYR A 435 -7.92 35.71 -2.67
N ALA A 436 -6.94 36.30 -3.32
CA ALA A 436 -6.87 37.77 -3.60
C ALA A 436 -6.58 37.94 -5.09
N VAL A 437 -6.95 39.09 -5.64
CA VAL A 437 -6.55 39.45 -7.03
C VAL A 437 -6.45 40.98 -7.11
N VAL A 438 -5.80 41.50 -8.16
CA VAL A 438 -5.98 42.92 -8.62
C VAL A 438 -7.41 43.07 -9.15
N ASP A 455 -4.59 36.26 -9.91
CA ASP A 455 -5.02 35.03 -9.18
C ASP A 455 -3.92 34.61 -8.20
N CYS A 456 -4.20 34.70 -6.90
CA CYS A 456 -3.26 34.40 -5.77
C CYS A 456 -4.00 33.63 -4.67
N PRO A 457 -3.85 32.27 -4.65
CA PRO A 457 -4.51 31.43 -3.65
C PRO A 457 -4.01 31.69 -2.22
N ILE A 458 -4.88 31.49 -1.24
CA ILE A 458 -4.56 31.71 0.20
C ILE A 458 -4.92 30.44 0.95
N ALA A 459 -6.18 30.06 0.97
CA ALA A 459 -6.64 28.98 1.85
C ALA A 459 -7.89 28.32 1.29
N TRP A 460 -8.13 27.09 1.73
CA TRP A 460 -9.33 26.32 1.33
C TRP A 460 -9.85 25.64 2.57
N ALA A 461 -11.13 25.28 2.59
CA ALA A 461 -11.76 24.50 3.66
C ALA A 461 -13.05 23.90 3.11
N ASN A 462 -13.41 22.72 3.61
CA ASN A 462 -14.60 21.96 3.13
C ASN A 462 -15.33 21.51 4.40
N LEU A 463 -16.67 21.39 4.35
CA LEU A 463 -17.42 20.63 5.36
C LEU A 463 -18.60 19.93 4.69
N MET A 464 -19.09 18.92 5.39
CA MET A 464 -20.26 18.13 4.97
C MET A 464 -21.49 18.95 5.40
N LEU A 465 -22.54 18.98 4.58
CA LEU A 465 -23.76 19.77 4.90
C LEU A 465 -24.59 19.01 5.94
N PHE A 466 -24.51 17.68 5.93
CA PHE A 466 -25.04 16.82 7.02
C PHE A 466 -23.90 16.38 7.93
N ASP A 467 -24.18 16.20 9.21
CA ASP A 467 -23.20 15.71 10.20
C ASP A 467 -23.17 14.18 10.15
N TYR A 468 -22.46 13.55 11.08
CA TYR A 468 -22.22 12.08 11.10
C TYR A 468 -23.49 11.34 11.52
N LYS A 469 -24.47 12.07 12.08
CA LYS A 469 -25.79 11.51 12.55
C LYS A 469 -26.89 11.77 11.52
N ASP A 470 -26.56 12.21 10.31
CA ASP A 470 -27.51 12.46 9.20
C ASP A 470 -28.36 13.70 9.47
N GLN A 471 -28.04 14.51 10.49
CA GLN A 471 -28.76 15.79 10.75
C GLN A 471 -28.19 16.86 9.82
N LEU A 472 -29.07 17.59 9.13
CA LEU A 472 -28.69 18.78 8.31
C LEU A 472 -28.13 19.81 9.28
N LYS A 473 -27.06 20.49 8.89
CA LYS A 473 -26.25 21.29 9.84
C LYS A 473 -26.87 22.68 9.92
N THR A 474 -26.99 23.21 11.14
CA THR A 474 -27.10 24.66 11.50
C THR A 474 -26.37 24.89 12.83
N GLY A 475 -25.92 26.11 13.14
CA GLY A 475 -26.12 27.32 12.38
C GLY A 475 -24.81 28.01 12.06
N GLU A 476 -23.99 28.36 13.06
CA GLU A 476 -22.67 29.05 12.88
C GLU A 476 -21.52 28.03 12.86
N ARG A 477 -20.53 28.22 12.01
CA ARG A 477 -19.32 27.35 11.90
C ARG A 477 -18.09 28.23 11.73
N CYS A 478 -17.06 27.96 12.53
CA CYS A 478 -15.71 28.52 12.30
C CYS A 478 -14.88 27.46 11.56
N LEU A 479 -14.49 27.76 10.31
CA LEU A 479 -13.73 26.88 9.39
C LEU A 479 -12.24 27.24 9.48
N TYR A 480 -11.47 26.45 10.21
CA TYR A 480 -10.00 26.62 10.28
C TYR A 480 -9.41 26.06 9.01
N MET A 481 -8.84 26.93 8.20
CA MET A 481 -8.58 26.67 6.77
C MET A 481 -7.16 26.15 6.55
N TRP A 482 -6.96 25.50 5.41
CA TRP A 482 -5.70 24.85 4.98
C TRP A 482 -5.04 25.75 3.96
N PRO A 483 -3.70 25.93 4.00
CA PRO A 483 -3.02 26.73 2.98
C PRO A 483 -3.08 26.10 1.58
N SER A 484 -3.05 26.93 0.53
CA SER A 484 -3.15 26.53 -0.91
C SER A 484 -1.76 26.28 -1.54
N VAL A 485 -1.70 25.89 -2.82
CA VAL A 485 -0.46 25.52 -3.57
C VAL A 485 0.54 26.68 -3.48
N LEU A 492 -9.20 26.50 -7.72
CA LEU A 492 -8.80 26.88 -6.34
C LEU A 492 -9.59 26.01 -5.35
N LEU A 493 -10.86 25.75 -5.65
CA LEU A 493 -11.73 24.83 -4.85
C LEU A 493 -11.11 23.43 -4.85
N ASN A 494 -11.19 22.75 -3.71
CA ASN A 494 -10.49 21.47 -3.47
C ASN A 494 -11.48 20.48 -2.86
N PRO A 495 -12.41 19.94 -3.67
CA PRO A 495 -13.49 19.09 -3.15
C PRO A 495 -12.95 17.79 -2.54
N ALA A 496 -11.81 17.29 -3.03
CA ALA A 496 -11.14 16.05 -2.55
C ALA A 496 -10.40 16.29 -1.23
N GLY A 497 -10.22 17.56 -0.85
CA GLY A 497 -9.59 17.96 0.42
C GLY A 497 -10.40 17.49 1.60
N THR A 498 -9.76 17.27 2.74
CA THR A 498 -10.40 16.78 3.99
C THR A 498 -11.52 17.74 4.44
N VAL A 499 -12.54 17.21 5.12
CA VAL A 499 -13.73 17.99 5.58
C VAL A 499 -13.58 18.26 7.08
N ARG A 500 -12.35 18.07 7.60
CA ARG A 500 -12.02 18.40 9.00
C ARG A 500 -11.11 19.62 8.97
N GLY A 501 -11.25 20.45 9.99
CA GLY A 501 -10.57 21.75 10.05
C GLY A 501 -9.11 21.56 10.39
N ASN A 502 -8.28 22.48 9.90
CA ASN A 502 -6.83 22.60 10.21
C ASN A 502 -6.65 22.61 11.72
N PRO A 503 -5.94 21.60 12.33
CA PRO A 503 -5.78 21.55 13.78
C PRO A 503 -4.90 22.67 14.37
N ASN A 504 -4.13 23.35 13.53
CA ASN A 504 -3.22 24.45 13.97
C ASN A 504 -4.02 25.76 14.03
N THR A 505 -4.87 25.92 15.03
CA THR A 505 -5.81 27.06 15.17
C THR A 505 -5.03 28.36 15.42
N GLU A 506 -3.80 28.29 15.95
CA GLU A 506 -2.99 29.51 16.25
C GLU A 506 -2.72 30.30 14.96
N SER A 507 -2.22 29.64 13.92
CA SER A 507 -1.72 30.29 12.69
C SER A 507 -2.71 30.15 11.53
N ALA A 508 -3.72 29.28 11.64
CA ALA A 508 -4.71 29.04 10.55
C ALA A 508 -5.58 30.28 10.35
N ALA A 509 -5.58 30.81 9.13
CA ALA A 509 -6.67 31.68 8.62
C ALA A 509 -7.99 30.94 8.84
N ALA A 510 -8.98 31.58 9.48
CA ALA A 510 -10.31 31.00 9.77
C ALA A 510 -11.36 31.71 8.93
N LEU A 511 -12.47 31.02 8.65
CA LEU A 511 -13.62 31.56 7.89
C LEU A 511 -14.87 31.22 8.69
N VAL A 512 -15.64 32.23 9.07
CA VAL A 512 -16.86 32.01 9.90
C VAL A 512 -18.05 32.20 8.96
N ILE A 513 -19.02 31.30 9.06
CA ILE A 513 -20.16 31.20 8.12
C ILE A 513 -21.37 30.85 8.97
N TYR A 514 -22.58 31.11 8.46
CA TYR A 514 -23.82 30.75 9.17
C TYR A 514 -24.66 29.88 8.24
N LEU A 515 -25.14 28.74 8.75
CA LEU A 515 -26.04 27.79 8.04
C LEU A 515 -27.46 28.04 8.53
N PRO A 516 -28.38 28.51 7.66
CA PRO A 516 -29.67 29.03 8.13
C PRO A 516 -30.50 27.90 8.76
N GLU A 517 -31.17 28.19 9.87
CA GLU A 517 -32.06 27.25 10.60
C GLU A 517 -33.37 27.14 9.84
N VAL A 518 -33.48 26.11 9.00
CA VAL A 518 -34.64 25.82 8.11
C VAL A 518 -35.82 25.23 8.93
N ALA A 519 -35.65 24.97 10.24
CA ALA A 519 -36.63 24.35 11.16
C ALA A 519 -37.91 25.19 11.28
N PRO A 522 -35.11 20.70 13.19
CA PRO A 522 -34.05 19.65 13.16
C PRO A 522 -34.40 18.61 12.09
N VAL A 523 -33.67 18.62 10.97
CA VAL A 523 -34.00 17.81 9.76
C VAL A 523 -32.86 16.80 9.49
N TYR A 524 -33.24 15.53 9.35
CA TYR A 524 -32.35 14.38 9.04
C TYR A 524 -32.55 13.96 7.59
N PHE A 525 -31.49 13.41 7.00
CA PHE A 525 -31.59 12.79 5.66
C PHE A 525 -32.61 11.67 5.79
N PRO A 526 -33.55 11.50 4.83
CA PRO A 526 -34.54 10.43 4.93
C PRO A 526 -33.88 9.06 5.18
N ALA A 527 -34.48 8.21 6.02
CA ALA A 527 -33.99 6.83 6.26
C ALA A 527 -34.09 6.04 4.94
N LEU A 528 -33.46 4.85 4.89
CA LEU A 528 -33.40 4.00 3.66
C LEU A 528 -34.81 3.58 3.24
N GLU A 529 -35.68 3.16 4.18
CA GLU A 529 -37.09 2.71 3.92
C GLU A 529 -37.87 3.82 3.20
N LYS A 530 -37.69 5.08 3.60
CA LYS A 530 -38.35 6.25 2.96
C LYS A 530 -37.77 6.44 1.56
N ILE A 531 -36.45 6.28 1.42
CA ILE A 531 -35.78 6.42 0.10
C ILE A 531 -36.28 5.27 -0.78
N LEU A 532 -36.45 4.07 -0.23
CA LEU A 532 -36.83 2.86 -1.03
C LEU A 532 -38.29 3.02 -1.50
N GLU A 533 -39.16 3.46 -0.60
CA GLU A 533 -40.58 3.82 -0.85
C GLU A 533 -40.66 4.76 -2.07
N LEU A 534 -39.98 5.91 -2.05
CA LEU A 534 -40.05 6.96 -3.11
C LEU A 534 -39.67 6.43 -4.50
N ILE A 543 -39.03 5.28 -4.59
CA ILE A 543 -38.38 4.85 -5.86
C ILE A 543 -39.17 3.77 -6.59
N THR A 544 -39.55 2.71 -5.87
CA THR A 544 -40.24 1.52 -6.43
C THR A 544 -41.03 1.98 -7.67
N GLU A 545 -41.57 3.22 -7.64
CA GLU A 545 -42.22 3.91 -8.80
C GLU A 545 -41.29 5.03 -9.29
N GLU A 546 -31.42 -3.16 -26.89
CA GLU A 546 -30.91 -2.18 -27.88
C GLU A 546 -29.40 -2.35 -28.04
N GLU A 547 -28.94 -2.38 -29.29
CA GLU A 547 -27.53 -2.52 -29.69
C GLU A 547 -26.73 -1.30 -29.23
N LEU A 551 -27.26 -0.09 -29.45
CA LEU A 551 -26.61 1.22 -29.14
C LEU A 551 -26.21 1.28 -27.65
N ARG A 552 -27.06 0.75 -26.77
CA ARG A 552 -26.81 0.57 -25.32
C ARG A 552 -25.54 -0.26 -25.08
N GLU A 553 -25.46 -1.45 -25.67
CA GLU A 553 -24.29 -2.35 -25.54
C GLU A 553 -23.00 -1.67 -26.01
N ILE A 554 -23.03 -0.93 -27.14
CA ILE A 554 -21.83 -0.45 -27.92
C ILE A 554 -21.18 0.76 -27.24
N LEU A 555 -21.87 1.42 -26.32
CA LEU A 555 -21.34 2.59 -25.56
C LEU A 555 -20.95 2.13 -24.15
N GLU A 556 -21.15 0.85 -23.87
CA GLU A 556 -21.02 0.24 -22.53
C GLU A 556 -19.90 -0.82 -22.57
N ARG A 557 -18.69 -0.41 -22.99
CA ARG A 557 -17.41 -1.15 -22.82
C ARG A 557 -16.23 -0.24 -23.22
N GLU A 562 -16.54 8.86 -20.47
CA GLU A 562 -16.92 10.13 -21.14
C GLU A 562 -17.91 9.82 -22.28
N LEU A 563 -19.19 10.19 -22.11
CA LEU A 563 -20.26 9.87 -23.10
C LEU A 563 -21.23 11.05 -23.28
N TYR A 564 -21.60 11.32 -24.52
CA TYR A 564 -22.50 12.43 -24.95
C TYR A 564 -23.79 12.39 -24.13
N GLU A 565 -24.54 13.49 -24.18
CA GLU A 565 -25.77 13.73 -23.38
C GLU A 565 -26.85 12.71 -23.75
N HIS A 566 -27.04 12.45 -25.05
CA HIS A 566 -28.02 11.45 -25.56
C HIS A 566 -27.60 10.06 -25.06
N GLU A 567 -26.32 9.70 -25.21
CA GLU A 567 -25.74 8.43 -24.68
C GLU A 567 -26.10 8.35 -23.19
N LYS A 568 -25.95 9.43 -22.43
CA LYS A 568 -26.21 9.42 -20.96
C LYS A 568 -27.70 9.24 -20.69
N ASP A 569 -28.57 9.86 -21.50
CA ASP A 569 -30.04 9.74 -21.33
C ASP A 569 -30.46 8.29 -21.62
N LEU A 570 -29.87 7.66 -22.65
CA LEU A 570 -30.19 6.25 -23.02
C LEU A 570 -29.93 5.37 -21.79
N VAL A 571 -28.71 5.42 -21.25
CA VAL A 571 -28.29 4.62 -20.07
C VAL A 571 -29.29 4.81 -18.93
N TRP A 572 -29.64 6.06 -18.62
CA TRP A 572 -30.57 6.39 -17.51
C TRP A 572 -31.97 5.81 -17.82
N LYS A 573 -32.51 6.06 -19.02
CA LYS A 573 -33.81 5.47 -19.47
C LYS A 573 -33.80 3.96 -19.16
N MET A 574 -32.73 3.26 -19.53
CA MET A 574 -32.66 1.77 -19.47
C MET A 574 -31.91 1.25 -18.22
N ARG A 575 -32.00 1.97 -17.11
CA ARG A 575 -31.27 1.61 -15.85
C ARG A 575 -31.70 0.22 -15.39
N HIS A 576 -32.95 -0.15 -15.60
CA HIS A 576 -33.50 -1.46 -15.18
C HIS A 576 -32.72 -2.55 -15.93
N GLU A 577 -32.53 -2.33 -17.22
CA GLU A 577 -31.85 -3.30 -18.11
C GLU A 577 -30.37 -3.35 -17.73
N VAL A 578 -29.77 -2.23 -17.27
CA VAL A 578 -28.38 -2.28 -16.73
C VAL A 578 -28.34 -3.25 -15.56
N GLN A 579 -29.21 -3.08 -14.57
CA GLN A 579 -29.25 -3.95 -13.37
C GLN A 579 -29.44 -5.41 -13.76
N GLU A 580 -30.40 -5.69 -14.64
CA GLU A 580 -30.83 -7.07 -14.98
C GLU A 580 -29.73 -7.77 -15.82
N HIS A 581 -29.17 -7.09 -16.83
CA HIS A 581 -28.36 -7.71 -17.91
C HIS A 581 -26.91 -7.19 -17.97
N PHE A 582 -26.57 -6.08 -17.32
CA PHE A 582 -25.19 -5.51 -17.37
C PHE A 582 -24.75 -5.10 -15.97
N PRO A 583 -24.88 -5.98 -14.95
CA PRO A 583 -24.64 -5.59 -13.56
C PRO A 583 -23.23 -4.99 -13.35
N GLU A 584 -22.26 -5.31 -14.21
CA GLU A 584 -20.89 -4.79 -14.02
C GLU A 584 -20.74 -3.38 -14.60
N ALA A 585 -21.77 -2.80 -15.24
CA ALA A 585 -21.77 -1.42 -15.77
C ALA A 585 -22.33 -0.44 -14.72
N LEU A 586 -22.53 -0.88 -13.47
CA LEU A 586 -23.06 -0.04 -12.38
C LEU A 586 -22.32 1.31 -12.35
N ALA A 587 -20.98 1.32 -12.42
CA ALA A 587 -20.16 2.54 -12.40
C ALA A 587 -20.67 3.55 -13.43
N ARG A 588 -20.84 3.12 -14.68
CA ARG A 588 -21.25 4.03 -15.78
C ARG A 588 -22.64 4.62 -15.45
N LEU A 589 -23.51 3.80 -14.87
CA LEU A 589 -24.90 4.20 -14.49
C LEU A 589 -24.79 5.23 -13.37
N LEU A 590 -23.99 4.95 -12.34
CA LEU A 590 -23.74 5.91 -11.22
C LEU A 590 -23.21 7.25 -11.73
N LEU A 591 -22.32 7.28 -12.71
CA LEU A 591 -21.75 8.54 -13.25
C LEU A 591 -22.79 9.30 -14.11
N VAL A 592 -23.83 8.66 -14.67
CA VAL A 592 -24.84 9.39 -15.50
C VAL A 592 -26.02 9.81 -14.62
N THR A 593 -26.17 9.28 -13.42
CA THR A 593 -27.29 9.67 -12.52
C THR A 593 -27.10 11.13 -12.10
N LYS A 594 -28.22 11.84 -11.93
CA LYS A 594 -28.29 13.27 -11.56
C LYS A 594 -28.32 13.35 -10.03
N TRP A 595 -27.15 13.51 -9.41
CA TRP A 595 -27.04 13.50 -7.93
C TRP A 595 -27.66 14.80 -7.35
N ASN A 596 -27.94 15.80 -8.18
CA ASN A 596 -28.58 17.08 -7.74
C ASN A 596 -30.10 17.02 -7.93
N LYS A 597 -30.66 15.84 -8.22
CA LYS A 597 -32.14 15.64 -8.24
C LYS A 597 -32.48 14.48 -7.30
N HIS A 598 -33.14 14.75 -6.19
CA HIS A 598 -33.35 13.74 -5.11
C HIS A 598 -34.20 12.57 -5.63
N GLU A 599 -35.12 12.84 -6.58
CA GLU A 599 -36.01 11.79 -7.16
C GLU A 599 -35.12 10.78 -7.89
N ASP A 600 -34.28 11.28 -8.81
CA ASP A 600 -33.29 10.50 -9.60
C ASP A 600 -32.39 9.67 -8.65
N VAL A 601 -31.84 10.29 -7.61
CA VAL A 601 -30.96 9.59 -6.64
C VAL A 601 -31.76 8.46 -5.98
N ALA A 602 -33.00 8.70 -5.58
CA ALA A 602 -33.84 7.63 -4.98
C ALA A 602 -34.04 6.50 -6.02
N GLN A 603 -34.22 6.80 -7.32
CA GLN A 603 -34.40 5.76 -8.39
C GLN A 603 -33.13 4.92 -8.52
N MET A 604 -31.97 5.54 -8.34
CA MET A 604 -30.65 4.86 -8.40
C MET A 604 -30.48 3.93 -7.19
N LEU A 605 -30.72 4.44 -5.97
CA LEU A 605 -30.59 3.69 -4.70
C LEU A 605 -31.54 2.49 -4.67
N TYR A 606 -32.76 2.59 -5.24
CA TYR A 606 -33.70 1.43 -5.28
C TYR A 606 -33.06 0.26 -6.04
N LEU A 607 -32.49 0.53 -7.22
CA LEU A 607 -31.73 -0.49 -8.00
C LEU A 607 -30.48 -0.95 -7.24
N LEU A 608 -29.74 -0.01 -6.65
CA LEU A 608 -28.48 -0.33 -5.94
C LEU A 608 -28.74 -1.34 -4.84
N CYS A 609 -29.81 -1.19 -4.05
CA CYS A 609 -30.05 -2.04 -2.84
C CYS A 609 -30.48 -3.49 -3.17
N SER A 610 -30.80 -3.80 -4.42
CA SER A 610 -31.05 -5.17 -4.93
C SER A 610 -30.01 -5.55 -6.01
N TRP A 611 -28.88 -4.84 -6.06
CA TRP A 611 -27.88 -5.05 -7.13
C TRP A 611 -27.03 -6.26 -6.76
N PRO A 612 -26.77 -7.22 -7.68
CA PRO A 612 -25.93 -8.37 -7.32
C PRO A 612 -24.51 -7.89 -6.99
N GLU A 613 -23.85 -8.54 -6.03
CA GLU A 613 -22.42 -8.31 -5.73
C GLU A 613 -21.61 -8.41 -7.03
N LEU A 614 -20.54 -7.63 -7.11
CA LEU A 614 -19.70 -7.54 -8.33
C LEU A 614 -18.33 -8.09 -8.02
N PRO A 615 -17.50 -8.35 -9.05
CA PRO A 615 -16.13 -8.78 -8.82
C PRO A 615 -15.31 -7.71 -8.07
N VAL A 616 -14.26 -8.20 -7.42
CA VAL A 616 -13.29 -7.35 -6.68
C VAL A 616 -12.83 -6.20 -7.57
N LEU A 617 -12.47 -6.45 -8.83
CA LEU A 617 -11.98 -5.39 -9.74
C LEU A 617 -12.99 -4.24 -9.82
N SER A 618 -14.29 -4.56 -9.90
CA SER A 618 -15.41 -3.59 -10.01
C SER A 618 -15.51 -2.80 -8.71
N ALA A 619 -15.42 -3.47 -7.56
CA ALA A 619 -15.54 -2.87 -6.22
C ALA A 619 -14.41 -1.86 -5.98
N LEU A 620 -13.19 -2.14 -6.45
CA LEU A 620 -12.01 -1.22 -6.30
C LEU A 620 -12.31 0.08 -7.04
N GLU A 621 -12.85 0.00 -8.27
CA GLU A 621 -13.27 1.18 -9.06
C GLU A 621 -14.25 2.02 -8.22
N LEU A 622 -15.22 1.38 -7.57
CA LEU A 622 -16.32 2.06 -6.81
C LEU A 622 -15.82 2.73 -5.53
N LEU A 623 -14.62 2.38 -5.02
CA LEU A 623 -14.02 3.09 -3.87
C LEU A 623 -13.50 4.46 -4.29
N ASP A 624 -13.37 4.76 -5.57
CA ASP A 624 -12.74 6.04 -6.00
C ASP A 624 -13.62 7.22 -5.56
N PHE A 625 -13.05 8.41 -5.42
CA PHE A 625 -13.77 9.64 -4.98
C PHE A 625 -14.91 10.01 -5.97
N SER A 626 -14.84 9.54 -7.21
CA SER A 626 -15.89 9.63 -8.28
C SER A 626 -17.23 9.03 -7.84
N PHE A 627 -17.26 8.17 -6.81
CA PHE A 627 -18.48 7.51 -6.27
C PHE A 627 -18.65 7.84 -4.81
N PRO A 628 -18.94 9.12 -4.49
CA PRO A 628 -18.95 9.58 -3.10
C PRO A 628 -20.13 9.12 -2.25
N ASP A 629 -21.22 8.66 -2.86
CA ASP A 629 -22.44 8.30 -2.08
C ASP A 629 -22.10 7.21 -1.06
N CYS A 630 -22.73 7.24 0.12
CA CYS A 630 -22.46 6.31 1.26
C CYS A 630 -23.01 4.92 0.98
N TYR A 631 -24.11 4.82 0.23
CA TYR A 631 -24.73 3.50 -0.08
C TYR A 631 -23.81 2.80 -1.09
N VAL A 632 -23.23 3.57 -2.00
CA VAL A 632 -22.27 3.08 -3.03
C VAL A 632 -21.01 2.60 -2.32
N GLY A 633 -20.59 3.30 -1.27
CA GLY A 633 -19.42 2.91 -0.44
C GLY A 633 -19.69 1.62 0.29
N SER A 634 -20.86 1.51 0.92
CA SER A 634 -21.29 0.30 1.65
C SER A 634 -21.33 -0.90 0.68
N PHE A 635 -21.82 -0.66 -0.54
CA PHE A 635 -21.95 -1.70 -1.59
C PHE A 635 -20.56 -2.17 -2.05
N ALA A 636 -19.64 -1.23 -2.25
CA ALA A 636 -18.24 -1.53 -2.65
C ALA A 636 -17.56 -2.41 -1.59
N ILE A 637 -17.74 -2.14 -0.28
CA ILE A 637 -17.12 -2.94 0.79
C ILE A 637 -17.77 -4.34 0.84
N LYS A 638 -19.07 -4.41 0.55
CA LYS A 638 -19.80 -5.70 0.56
C LYS A 638 -19.22 -6.61 -0.53
N SER A 639 -18.93 -6.06 -1.71
CA SER A 639 -18.33 -6.75 -2.87
C SER A 639 -16.86 -7.08 -2.58
N LEU A 640 -16.21 -6.30 -1.70
CA LEU A 640 -14.78 -6.52 -1.37
C LEU A 640 -14.60 -7.54 -0.24
N ARG A 641 -15.65 -8.00 0.42
CA ARG A 641 -15.48 -8.96 1.53
C ARG A 641 -14.87 -10.28 1.03
N LYS A 642 -15.01 -10.61 -0.25
CA LYS A 642 -14.46 -11.87 -0.81
C LYS A 642 -12.96 -11.71 -1.16
N LEU A 643 -12.38 -10.51 -1.04
CA LEU A 643 -10.90 -10.31 -1.05
C LEU A 643 -10.27 -11.39 -0.16
N THR A 644 -9.34 -12.18 -0.70
CA THR A 644 -8.46 -13.05 0.11
C THR A 644 -7.56 -12.15 0.95
N ASP A 645 -7.03 -12.69 2.05
CA ASP A 645 -5.97 -12.02 2.84
C ASP A 645 -4.82 -11.65 1.92
N ASP A 646 -4.46 -12.48 0.93
CA ASP A 646 -3.29 -12.19 0.06
C ASP A 646 -3.58 -10.98 -0.80
N GLU A 647 -4.79 -10.89 -1.37
CA GLU A 647 -5.20 -9.77 -2.24
C GLU A 647 -5.26 -8.50 -1.37
N LEU A 648 -5.82 -8.62 -0.19
CA LEU A 648 -5.96 -7.48 0.75
C LEU A 648 -4.58 -6.89 1.02
N PHE A 649 -3.62 -7.74 1.38
CA PHE A 649 -2.19 -7.34 1.58
C PHE A 649 -1.73 -6.64 0.31
N GLN A 650 -2.00 -7.20 -0.87
CA GLN A 650 -1.52 -6.63 -2.16
C GLN A 650 -2.10 -5.21 -2.37
N TYR A 651 -3.33 -4.93 -1.92
CA TYR A 651 -4.01 -3.63 -2.19
C TYR A 651 -4.06 -2.77 -0.92
N LEU A 652 -3.34 -3.14 0.14
CA LEU A 652 -3.55 -2.47 1.46
C LEU A 652 -3.11 -1.01 1.39
N LEU A 653 -2.02 -0.68 0.68
CA LEU A 653 -1.51 0.69 0.53
C LEU A 653 -2.64 1.58 -0.02
N GLN A 654 -3.37 1.13 -1.05
CA GLN A 654 -4.40 1.97 -1.72
C GLN A 654 -5.64 2.06 -0.82
N LEU A 655 -6.02 0.96 -0.16
CA LEU A 655 -7.19 0.94 0.76
C LEU A 655 -6.96 1.92 1.93
N VAL A 656 -5.73 2.03 2.42
CA VAL A 656 -5.41 3.01 3.49
C VAL A 656 -5.53 4.43 2.91
N GLN A 657 -4.99 4.67 1.72
CA GLN A 657 -4.98 6.03 1.17
C GLN A 657 -6.44 6.46 0.90
N VAL A 658 -7.35 5.51 0.64
CA VAL A 658 -8.79 5.77 0.37
C VAL A 658 -9.43 6.38 1.63
N LEU A 659 -8.90 6.06 2.82
CA LEU A 659 -9.41 6.60 4.10
C LEU A 659 -9.35 8.12 4.08
N LYS A 660 -8.44 8.72 3.30
CA LYS A 660 -8.26 10.19 3.16
C LYS A 660 -9.42 10.87 2.43
N TYR A 661 -10.21 10.12 1.66
CA TYR A 661 -11.39 10.61 0.89
C TYR A 661 -12.64 10.48 1.76
N GLU A 662 -12.57 9.79 2.90
CA GLU A 662 -13.75 9.48 3.71
C GLU A 662 -14.26 10.76 4.37
N SER A 663 -15.56 10.86 4.56
CA SER A 663 -16.24 12.09 5.06
C SER A 663 -16.36 12.04 6.58
N TYR A 664 -16.58 10.85 7.16
CA TYR A 664 -16.84 10.64 8.59
C TYR A 664 -15.79 9.66 9.13
N LEU A 665 -15.61 9.64 10.45
CA LEU A 665 -14.69 8.71 11.16
C LEU A 665 -15.23 7.27 11.17
N ASP A 666 -16.49 7.09 11.58
CA ASP A 666 -17.12 5.74 11.63
C ASP A 666 -17.56 5.44 10.20
N CYS A 667 -16.89 4.53 9.52
CA CYS A 667 -17.17 4.24 8.09
C CYS A 667 -16.91 2.75 7.80
N GLU A 668 -17.55 2.25 6.74
CA GLU A 668 -17.54 0.80 6.40
C GLU A 668 -16.10 0.35 6.10
N LEU A 669 -15.32 1.20 5.45
CA LEU A 669 -13.91 0.90 5.07
C LEU A 669 -13.09 0.72 6.35
N THR A 670 -13.21 1.62 7.32
CA THR A 670 -12.45 1.48 8.58
C THR A 670 -12.90 0.22 9.31
N LYS A 671 -14.21 -0.06 9.37
CA LYS A 671 -14.68 -1.28 10.07
C LYS A 671 -14.13 -2.52 9.35
N PHE A 672 -14.12 -2.46 8.03
CA PHE A 672 -13.61 -3.57 7.19
C PHE A 672 -12.13 -3.80 7.52
N LEU A 673 -11.30 -2.76 7.39
CA LEU A 673 -9.83 -2.89 7.61
C LEU A 673 -9.55 -3.38 9.04
N LEU A 674 -10.15 -2.80 10.09
CA LEU A 674 -9.94 -3.27 11.48
C LEU A 674 -10.34 -4.73 11.60
N GLY A 675 -11.50 -5.15 11.07
CA GLY A 675 -11.96 -6.56 11.13
C GLY A 675 -10.95 -7.52 10.51
N ARG A 676 -10.47 -7.22 9.31
CA ARG A 676 -9.48 -8.08 8.60
C ARG A 676 -8.18 -8.07 9.42
N ALA A 677 -7.77 -6.91 9.95
CA ALA A 677 -6.53 -6.75 10.73
C ALA A 677 -6.56 -7.62 12.00
N LEU A 678 -7.73 -7.75 12.64
CA LEU A 678 -7.87 -8.51 13.90
C LEU A 678 -8.02 -10.01 13.62
N ALA A 679 -8.39 -10.39 12.40
CA ALA A 679 -8.50 -11.80 11.96
C ALA A 679 -7.18 -12.31 11.37
N ASN A 680 -6.18 -11.45 11.11
CA ASN A 680 -4.93 -11.87 10.43
C ASN A 680 -3.78 -10.96 10.93
N ARG A 681 -2.92 -11.51 11.79
CA ARG A 681 -1.83 -10.76 12.48
C ARG A 681 -0.96 -10.03 11.45
N LYS A 682 -0.76 -10.61 10.26
CA LYS A 682 0.13 -10.02 9.24
C LYS A 682 -0.54 -8.78 8.65
N ILE A 683 -1.85 -8.83 8.40
CA ILE A 683 -2.64 -7.67 7.93
C ILE A 683 -2.60 -6.59 9.02
N GLY A 684 -2.83 -7.00 10.26
CA GLY A 684 -2.74 -6.13 11.46
C GLY A 684 -1.43 -5.37 11.52
N HIS A 685 -0.32 -6.09 11.29
CA HIS A 685 1.05 -5.54 11.26
C HIS A 685 1.20 -4.46 10.19
N PHE A 686 0.90 -4.78 8.94
CA PHE A 686 1.04 -3.79 7.84
C PHE A 686 0.00 -2.65 7.94
N LEU A 687 -1.23 -2.91 8.40
CA LEU A 687 -2.20 -1.81 8.62
C LEU A 687 -1.61 -0.82 9.62
N PHE A 688 -1.09 -1.34 10.75
CA PHE A 688 -0.49 -0.49 11.81
C PHE A 688 0.57 0.43 11.16
N TRP A 689 1.52 -0.12 10.43
CA TRP A 689 2.65 0.68 9.89
C TRP A 689 2.18 1.66 8.81
N HIS A 690 1.26 1.30 7.94
CA HIS A 690 0.70 2.25 6.95
C HIS A 690 0.15 3.46 7.70
N LEU A 691 -0.59 3.24 8.78
CA LEU A 691 -1.27 4.32 9.55
C LEU A 691 -0.20 5.10 10.34
N ARG A 692 0.73 4.39 10.98
CA ARG A 692 1.73 5.00 11.89
C ARG A 692 2.63 5.91 11.08
N SER A 693 2.94 5.51 9.86
CA SER A 693 3.91 6.24 9.01
C SER A 693 3.32 7.57 8.52
N GLU A 694 2.04 7.86 8.77
CA GLU A 694 1.44 9.16 8.34
C GLU A 694 0.95 10.00 9.54
N MET A 695 1.43 9.69 10.74
CA MET A 695 0.95 10.40 11.97
C MET A 695 1.54 11.82 12.01
N HIS A 696 2.54 12.13 11.18
CA HIS A 696 3.16 13.46 11.08
C HIS A 696 2.32 14.37 10.17
N VAL A 697 1.27 13.85 9.53
CA VAL A 697 0.49 14.60 8.51
C VAL A 697 -0.78 15.07 9.22
N PRO A 698 -0.90 16.38 9.56
CA PRO A 698 -2.01 16.83 10.39
C PRO A 698 -3.41 16.41 9.92
N SER A 699 -3.63 16.29 8.61
CA SER A 699 -5.00 16.04 8.05
C SER A 699 -5.46 14.60 8.35
N VAL A 700 -4.54 13.68 8.66
CA VAL A 700 -4.93 12.28 8.96
C VAL A 700 -4.58 11.88 10.37
N ALA A 701 -3.82 12.69 11.13
CA ALA A 701 -3.26 12.28 12.42
C ALA A 701 -4.40 11.86 13.35
N LEU A 702 -5.53 12.56 13.34
CA LEU A 702 -6.68 12.19 14.21
C LEU A 702 -7.29 10.87 13.73
N ARG A 703 -7.64 10.78 12.47
CA ARG A 703 -8.30 9.55 11.95
C ARG A 703 -7.39 8.33 12.19
N PHE A 704 -6.13 8.41 11.79
CA PHE A 704 -5.17 7.27 11.83
C PHE A 704 -4.86 6.93 13.29
N GLY A 705 -4.72 7.94 14.16
CA GLY A 705 -4.51 7.72 15.59
C GLY A 705 -5.65 6.92 16.20
N LEU A 706 -6.87 7.27 15.83
CA LEU A 706 -8.06 6.60 16.41
C LEU A 706 -8.13 5.15 15.93
N ILE A 707 -7.83 4.91 14.65
CA ILE A 707 -7.85 3.51 14.10
C ILE A 707 -6.80 2.68 14.87
N MET A 708 -5.61 3.23 15.07
CA MET A 708 -4.49 2.51 15.71
C MET A 708 -4.85 2.21 17.17
N GLU A 709 -5.48 3.16 17.85
CA GLU A 709 -5.98 2.97 19.23
C GLU A 709 -6.94 1.77 19.28
N ALA A 710 -7.94 1.72 18.40
CA ALA A 710 -8.96 0.65 18.40
C ALA A 710 -8.26 -0.69 18.17
N TYR A 711 -7.39 -0.76 17.15
CA TYR A 711 -6.57 -1.96 16.85
C TYR A 711 -5.91 -2.47 18.14
N CYS A 712 -5.20 -1.60 18.87
CA CYS A 712 -4.53 -1.96 20.14
C CYS A 712 -5.51 -2.51 21.17
N ARG A 713 -6.73 -1.98 21.26
CA ARG A 713 -7.79 -2.53 22.15
C ARG A 713 -8.03 -3.98 21.75
N GLY A 714 -7.88 -4.28 20.46
CA GLY A 714 -8.05 -5.61 19.85
C GLY A 714 -6.89 -6.56 20.14
N SER A 715 -5.66 -6.08 20.29
CA SER A 715 -4.51 -6.97 20.62
C SER A 715 -3.49 -6.24 21.46
N THR A 716 -3.63 -6.37 22.78
CA THR A 716 -2.65 -5.90 23.80
C THR A 716 -1.27 -6.52 23.53
N HIS A 717 -1.21 -7.80 23.15
CA HIS A 717 0.06 -8.51 22.91
C HIS A 717 0.76 -7.90 21.69
N HIS A 718 0.05 -7.77 20.58
CA HIS A 718 0.60 -7.21 19.33
C HIS A 718 1.01 -5.75 19.54
N MET A 719 0.28 -4.98 20.37
CA MET A 719 0.71 -3.61 20.72
C MET A 719 2.13 -3.68 21.29
N LYS A 720 2.41 -4.60 22.22
CA LYS A 720 3.73 -4.68 22.90
C LYS A 720 4.80 -5.10 21.87
N VAL A 721 4.43 -5.96 20.93
CA VAL A 721 5.35 -6.41 19.84
C VAL A 721 5.66 -5.20 18.95
N LEU A 722 4.67 -4.39 18.63
CA LEU A 722 4.83 -3.19 17.79
C LEU A 722 5.67 -2.14 18.55
N MET A 723 5.49 -2.04 19.87
CA MET A 723 6.25 -1.05 20.67
C MET A 723 7.75 -1.40 20.62
N LYS A 724 8.08 -2.68 20.65
CA LYS A 724 9.49 -3.12 20.53
C LYS A 724 10.08 -2.65 19.18
N GLN A 725 9.33 -2.81 18.10
CA GLN A 725 9.74 -2.27 16.78
C GLN A 725 9.96 -0.75 16.85
N GLY A 726 9.02 -0.01 17.44
CA GLY A 726 9.14 1.46 17.60
C GLY A 726 10.37 1.81 18.42
N GLU A 727 10.68 1.02 19.46
CA GLU A 727 11.88 1.29 20.32
C GLU A 727 13.14 1.14 19.46
N ALA A 728 13.18 0.16 18.57
CA ALA A 728 14.35 -0.06 17.69
C ALA A 728 14.45 1.11 16.71
N LEU A 729 13.34 1.53 16.11
CA LEU A 729 13.31 2.63 15.10
C LEU A 729 13.74 3.95 15.74
N SER A 730 13.38 4.18 16.99
CA SER A 730 13.81 5.38 17.73
C SER A 730 15.34 5.42 17.86
N LYS A 731 15.94 4.27 18.18
CA LYS A 731 17.41 4.13 18.31
C LYS A 731 18.04 4.31 16.94
N LEU A 732 17.48 3.76 15.88
CA LEU A 732 18.07 3.93 14.54
C LEU A 732 18.07 5.41 14.10
N LYS A 733 17.00 6.16 14.36
CA LYS A 733 16.90 7.62 14.09
C LYS A 733 18.05 8.32 14.82
N ALA A 734 18.20 8.05 16.11
CA ALA A 734 19.27 8.68 16.92
C ALA A 734 20.65 8.32 16.32
N LEU A 735 20.87 7.05 16.02
CA LEU A 735 22.15 6.55 15.46
C LEU A 735 22.39 7.22 14.10
N ASN A 736 21.36 7.27 13.25
CA ASN A 736 21.50 7.90 11.91
C ASN A 736 21.80 9.40 12.01
N ASP A 737 21.18 10.09 12.97
CA ASP A 737 21.48 11.53 13.22
C ASP A 737 22.99 11.65 13.54
N PHE A 738 23.51 10.79 14.40
CA PHE A 738 24.93 10.79 14.81
C PHE A 738 25.80 10.61 13.55
N VAL A 739 25.44 9.65 12.71
CA VAL A 739 26.22 9.29 11.50
C VAL A 739 26.25 10.46 10.51
N LYS A 740 25.12 11.13 10.30
CA LYS A 740 24.97 12.34 9.44
C LYS A 740 25.94 13.44 9.89
N VAL A 741 25.94 13.77 11.17
CA VAL A 741 26.90 14.76 11.75
C VAL A 741 28.34 14.28 11.59
N SER A 742 28.66 13.04 11.98
CA SER A 742 30.04 12.52 12.06
C SER A 742 30.64 12.42 10.66
N SER A 743 29.82 12.05 9.70
CA SER A 743 30.20 11.88 8.28
C SER A 743 30.81 13.19 7.72
N GLN A 744 30.36 14.36 8.17
CA GLN A 744 30.85 15.69 7.70
C GLN A 744 32.12 16.14 8.47
N LYS A 745 32.60 15.40 9.49
CA LYS A 745 33.71 15.89 10.37
C LYS A 745 34.93 14.96 10.34
N THR A 746 34.80 13.69 9.94
CA THR A 746 35.90 12.72 10.08
C THR A 746 35.82 11.68 8.97
N THR A 747 36.75 10.75 8.96
CA THR A 747 36.86 9.71 7.92
C THR A 747 35.79 8.64 8.17
N LYS A 748 35.51 7.83 7.14
CA LYS A 748 34.44 6.83 7.21
C LYS A 748 34.82 5.77 8.24
N PRO A 749 36.08 5.25 8.27
CA PRO A 749 36.46 4.27 9.29
C PRO A 749 36.19 4.81 10.71
N GLN A 750 36.42 6.10 10.94
CA GLN A 750 36.22 6.72 12.27
C GLN A 750 34.71 6.83 12.59
N THR A 751 33.89 7.34 11.68
CA THR A 751 32.42 7.41 11.89
C THR A 751 31.92 5.98 12.14
N LYS A 752 32.42 5.01 11.37
CA LYS A 752 31.93 3.62 11.46
C LYS A 752 32.31 3.03 12.83
N GLU A 753 33.51 3.31 13.31
CA GLU A 753 33.92 2.78 14.64
C GLU A 753 33.08 3.46 15.73
N MET A 754 32.80 4.75 15.61
CA MET A 754 31.96 5.43 16.64
C MET A 754 30.50 4.99 16.51
N MET A 755 30.03 4.65 15.31
CA MET A 755 28.67 4.05 15.18
C MET A 755 28.62 2.76 16.00
N HIS A 756 29.65 1.90 15.87
CA HIS A 756 29.74 0.60 16.57
C HIS A 756 29.82 0.86 18.08
N MET A 757 30.58 1.86 18.53
CA MET A 757 30.63 2.11 20.00
C MET A 757 29.24 2.54 20.47
N CYS A 758 28.54 3.36 19.69
CA CYS A 758 27.17 3.82 20.03
C CYS A 758 26.26 2.59 20.17
N MET A 759 26.35 1.67 19.23
CA MET A 759 25.47 0.47 19.18
C MET A 759 25.81 -0.50 20.32
N ARG A 760 27.05 -0.51 20.80
CA ARG A 760 27.54 -1.41 21.89
C ARG A 760 27.05 -0.94 23.25
N GLN A 761 26.45 0.24 23.35
CA GLN A 761 25.76 0.72 24.57
C GLN A 761 24.60 -0.22 24.88
N GLU A 762 24.37 -0.51 26.17
CA GLU A 762 23.37 -1.52 26.62
C GLU A 762 21.98 -1.08 26.15
N THR A 763 21.62 0.19 26.25
CA THR A 763 20.30 0.70 25.76
C THR A 763 20.14 0.39 24.26
N TYR A 764 21.20 0.57 23.46
CA TYR A 764 21.14 0.25 22.01
C TYR A 764 21.06 -1.27 21.76
N MET A 765 21.93 -2.07 22.39
CA MET A 765 21.98 -3.54 22.14
C MET A 765 20.63 -4.12 22.53
N GLU A 766 20.02 -3.60 23.58
CA GLU A 766 18.71 -4.09 24.07
C GLU A 766 17.63 -3.72 23.04
N ALA A 767 17.54 -2.45 22.64
CA ALA A 767 16.45 -1.90 21.78
C ALA A 767 16.55 -2.51 20.37
N LEU A 768 17.76 -2.72 19.86
CA LEU A 768 17.93 -3.15 18.45
C LEU A 768 17.91 -4.67 18.35
N SER A 769 17.80 -5.42 19.44
CA SER A 769 17.90 -6.90 19.41
C SER A 769 16.55 -7.54 19.73
N HIS A 770 16.24 -8.70 19.13
CA HIS A 770 15.10 -9.56 19.53
C HIS A 770 13.78 -8.86 19.23
N LEU A 771 13.53 -8.58 17.96
CA LEU A 771 12.24 -8.01 17.49
C LEU A 771 11.82 -8.72 16.22
N GLN A 772 10.52 -8.67 15.97
CA GLN A 772 9.95 -9.01 14.66
C GLN A 772 10.32 -7.91 13.68
N SER A 773 10.71 -8.25 12.45
CA SER A 773 11.06 -7.21 11.43
C SER A 773 9.81 -6.43 11.03
N PRO A 774 9.81 -5.09 11.07
CA PRO A 774 8.72 -4.31 10.47
C PRO A 774 8.49 -4.66 8.99
N LEU A 775 9.53 -5.15 8.31
CA LEU A 775 9.42 -5.48 6.86
C LEU A 775 8.61 -6.76 6.64
N ASP A 776 8.61 -7.65 7.62
CA ASP A 776 8.00 -9.01 7.50
C ASP A 776 7.96 -9.58 8.90
N PRO A 777 6.80 -9.58 9.57
CA PRO A 777 6.76 -10.00 10.96
C PRO A 777 7.17 -11.48 11.12
N SER A 778 7.25 -12.22 10.02
CA SER A 778 7.67 -13.63 10.12
C SER A 778 9.22 -13.70 10.20
N THR A 779 9.92 -12.63 9.83
CA THR A 779 11.40 -12.54 9.94
C THR A 779 11.74 -12.07 11.34
N LEU A 780 12.52 -12.83 12.10
CA LEU A 780 12.96 -12.42 13.46
C LEU A 780 14.35 -11.77 13.37
N LEU A 781 14.49 -10.54 13.87
CA LEU A 781 15.79 -9.83 13.99
C LEU A 781 16.31 -10.15 15.40
N GLU A 782 17.19 -11.13 15.53
CA GLU A 782 17.59 -11.62 16.88
C GLU A 782 18.80 -10.80 17.36
N GLU A 783 20.01 -11.27 17.11
CA GLU A 783 21.20 -10.59 17.65
C GLU A 783 21.71 -9.59 16.61
N VAL A 784 21.84 -8.31 16.97
CA VAL A 784 22.41 -7.31 16.03
C VAL A 784 23.90 -7.63 15.89
N CYS A 785 24.41 -7.72 14.68
CA CYS A 785 25.78 -8.03 14.39
CA CYS A 785 25.83 -8.04 14.36
C CYS A 785 26.59 -6.73 14.16
N VAL A 786 26.96 -6.10 15.26
CA VAL A 786 27.45 -4.69 15.26
C VAL A 786 28.65 -4.57 14.32
N GLU A 787 29.53 -5.57 14.31
CA GLU A 787 30.81 -5.47 13.56
C GLU A 787 30.52 -5.34 12.06
N GLN A 788 29.44 -5.96 11.59
CA GLN A 788 29.03 -5.92 10.17
C GLN A 788 28.11 -4.73 9.85
N CYS A 789 27.74 -3.88 10.81
CA CYS A 789 26.85 -2.71 10.55
C CYS A 789 27.68 -1.57 9.97
N THR A 790 27.08 -0.78 9.07
CA THR A 790 27.78 0.35 8.42
C THR A 790 26.75 1.38 7.96
N PHE A 791 27.19 2.30 7.14
CA PHE A 791 26.28 3.26 6.48
C PHE A 791 26.79 3.47 5.06
N MET A 792 25.88 3.92 4.20
CA MET A 792 26.18 4.22 2.77
C MET A 792 26.49 5.69 2.63
N ASP A 793 27.26 6.00 1.60
CA ASP A 793 27.86 7.33 1.35
C ASP A 793 26.86 8.31 0.73
N SER A 794 25.69 7.88 0.30
CA SER A 794 24.67 8.81 -0.28
C SER A 794 24.21 9.83 0.77
N LYS A 795 23.50 10.89 0.34
CA LYS A 795 23.36 12.17 1.06
C LYS A 795 22.78 11.99 2.46
N MET A 796 21.79 11.10 2.63
CA MET A 796 21.06 10.90 3.91
C MET A 796 21.79 9.82 4.75
N LYS A 797 22.91 9.27 4.25
CA LYS A 797 23.77 8.27 4.96
C LYS A 797 22.90 7.15 5.53
N PRO A 798 22.13 6.41 4.72
CA PRO A 798 21.30 5.34 5.26
C PRO A 798 22.15 4.28 6.01
N LEU A 799 21.59 3.68 7.04
CA LEU A 799 22.32 2.74 7.88
C LEU A 799 22.12 1.35 7.31
N TRP A 800 23.15 0.56 7.39
CA TRP A 800 23.17 -0.87 7.00
C TRP A 800 23.27 -1.72 8.26
N ILE A 801 22.18 -2.39 8.63
CA ILE A 801 22.11 -3.13 9.92
C ILE A 801 21.94 -4.63 9.66
N MET A 802 22.90 -5.40 10.18
CA MET A 802 23.00 -6.87 9.96
C MET A 802 22.57 -7.55 11.25
N TYR A 803 21.86 -8.67 11.10
CA TYR A 803 21.43 -9.54 12.21
C TYR A 803 21.90 -10.99 11.98
N SER A 804 21.97 -11.75 13.08
CA SER A 804 22.15 -13.23 13.07
C SER A 804 21.23 -13.88 14.11
N SER A 805 20.97 -15.17 13.92
CA SER A 805 20.05 -15.98 14.76
C SER A 805 20.50 -17.44 14.69
N GLU A 806 20.87 -18.03 15.82
CA GLU A 806 21.35 -19.44 15.92
C GLU A 806 20.22 -20.36 15.46
N GLU A 807 19.01 -20.20 16.02
CA GLU A 807 17.87 -21.12 15.74
C GLU A 807 17.57 -21.17 14.22
N ALA A 808 17.83 -20.10 13.46
CA ALA A 808 17.50 -20.05 12.02
C ALA A 808 18.71 -20.51 11.17
N GLY A 809 19.90 -20.61 11.77
CA GLY A 809 21.16 -20.91 11.06
C GLY A 809 21.50 -19.85 10.02
N SER A 810 21.90 -20.26 8.81
CA SER A 810 22.21 -19.37 7.65
C SER A 810 21.02 -18.47 7.27
N ALA A 811 19.77 -18.89 7.49
CA ALA A 811 18.53 -18.14 7.15
C ALA A 811 18.25 -17.02 8.18
N GLY A 812 18.93 -17.04 9.33
CA GLY A 812 18.84 -15.96 10.35
C GLY A 812 19.71 -14.77 9.99
N ASN A 813 20.57 -14.91 8.97
CA ASN A 813 21.53 -13.85 8.56
C ASN A 813 20.81 -12.89 7.64
N VAL A 814 20.36 -11.76 8.15
CA VAL A 814 19.47 -10.86 7.37
C VAL A 814 19.94 -9.44 7.65
N GLY A 815 19.70 -8.59 6.67
CA GLY A 815 20.04 -7.18 6.74
C GLY A 815 18.81 -6.29 6.55
N ILE A 816 18.85 -5.12 7.16
CA ILE A 816 17.87 -4.03 6.94
C ILE A 816 18.63 -2.74 6.68
N ILE A 817 18.08 -1.92 5.82
CA ILE A 817 18.54 -0.51 5.63
C ILE A 817 17.52 0.41 6.27
N PHE A 818 18.02 1.31 7.09
CA PHE A 818 17.24 2.41 7.70
C PHE A 818 17.56 3.70 6.95
N LYS A 819 16.53 4.26 6.35
CA LYS A 819 16.67 5.52 5.59
C LYS A 819 15.83 6.62 6.22
N ASN A 820 16.46 7.77 6.48
CA ASN A 820 15.80 8.93 7.09
C ASN A 820 16.24 10.24 6.38
N GLY A 821 15.26 11.01 5.94
CA GLY A 821 15.42 12.39 5.44
C GLY A 821 14.89 12.56 4.03
N ASP A 822 14.75 11.48 3.25
CA ASP A 822 14.17 11.56 1.89
C ASP A 822 12.71 11.17 1.96
N ASP A 823 11.90 11.74 1.06
CA ASP A 823 10.51 11.29 0.84
C ASP A 823 10.58 10.00 0.01
N LEU A 824 10.02 8.92 0.54
CA LEU A 824 10.16 7.55 -0.02
C LEU A 824 8.84 7.09 -0.67
N ARG A 825 7.78 7.87 -0.51
CA ARG A 825 6.38 7.43 -0.77
C ARG A 825 6.25 7.02 -2.24
N GLN A 826 6.85 7.78 -3.18
CA GLN A 826 6.74 7.46 -4.63
C GLN A 826 7.47 6.15 -4.92
N ASP A 827 8.69 5.98 -4.40
CA ASP A 827 9.50 4.75 -4.63
C ASP A 827 8.79 3.55 -4.00
N MET A 828 8.11 3.71 -2.87
CA MET A 828 7.37 2.61 -2.19
C MET A 828 6.24 2.12 -3.11
N LEU A 829 5.51 3.05 -3.72
CA LEU A 829 4.44 2.73 -4.70
C LEU A 829 5.03 2.01 -5.90
N THR A 830 6.11 2.53 -6.49
CA THR A 830 6.79 1.88 -7.61
C THR A 830 7.13 0.42 -7.26
N LEU A 831 7.75 0.17 -6.10
CA LEU A 831 8.14 -1.20 -5.70
C LEU A 831 6.92 -2.09 -5.51
N GLN A 832 5.84 -1.56 -4.92
CA GLN A 832 4.56 -2.28 -4.73
C GLN A 832 4.02 -2.71 -6.11
N MET A 833 4.09 -1.83 -7.10
CA MET A 833 3.52 -2.10 -8.45
C MET A 833 4.35 -3.16 -9.17
N ILE A 834 5.69 -3.12 -9.04
CA ILE A 834 6.60 -4.17 -9.56
C ILE A 834 6.26 -5.48 -8.86
N GLN A 835 6.00 -5.43 -7.55
CA GLN A 835 5.65 -6.67 -6.80
C GLN A 835 4.33 -7.20 -7.36
N LEU A 836 3.35 -6.32 -7.62
CA LEU A 836 2.05 -6.75 -8.23
C LEU A 836 2.28 -7.35 -9.62
N MET A 837 3.16 -6.76 -10.40
CA MET A 837 3.44 -7.26 -11.76
C MET A 837 3.95 -8.68 -11.68
N ASP A 838 4.89 -8.94 -10.77
CA ASP A 838 5.49 -10.27 -10.53
C ASP A 838 4.40 -11.29 -10.19
N VAL A 839 3.49 -10.97 -9.26
CA VAL A 839 2.35 -11.87 -8.87
C VAL A 839 1.52 -12.17 -10.13
N LEU A 840 1.20 -11.14 -10.92
CA LEU A 840 0.31 -11.31 -12.10
C LEU A 840 1.02 -12.20 -13.11
N TRP A 841 2.30 -11.99 -13.30
CA TRP A 841 3.08 -12.86 -14.20
C TRP A 841 3.04 -14.31 -13.72
N LYS A 842 3.39 -14.56 -12.46
CA LYS A 842 3.45 -15.91 -11.87
C LYS A 842 2.06 -16.56 -11.95
N GLN A 843 0.98 -15.81 -11.72
CA GLN A 843 -0.40 -16.39 -11.83
C GLN A 843 -0.65 -16.92 -13.24
N GLU A 844 0.05 -16.43 -14.28
CA GLU A 844 -0.07 -16.94 -15.69
C GLU A 844 1.11 -17.87 -16.04
N GLY A 845 1.79 -18.47 -15.07
CA GLY A 845 2.88 -19.44 -15.27
C GLY A 845 4.16 -18.79 -15.78
N LEU A 846 4.34 -17.45 -15.63
CA LEU A 846 5.56 -16.70 -16.06
C LEU A 846 6.32 -16.20 -14.83
N ASP A 847 7.48 -16.80 -14.54
CA ASP A 847 8.35 -16.46 -13.40
C ASP A 847 9.58 -15.74 -13.99
N LEU A 848 9.59 -14.41 -13.93
CA LEU A 848 10.74 -13.63 -14.50
C LEU A 848 11.81 -13.41 -13.42
N ARG A 849 11.79 -14.17 -12.33
CA ARG A 849 12.86 -14.21 -11.32
C ARG A 849 13.06 -12.77 -10.82
N MET A 850 11.95 -12.12 -10.47
CA MET A 850 12.03 -10.75 -9.88
C MET A 850 12.52 -10.82 -8.43
N THR A 851 12.92 -9.68 -7.88
CA THR A 851 13.40 -9.57 -6.48
C THR A 851 12.55 -8.55 -5.77
N PRO A 852 11.32 -8.91 -5.34
CA PRO A 852 10.42 -7.93 -4.70
C PRO A 852 10.79 -7.77 -3.23
N TYR A 853 11.95 -7.20 -2.97
CA TYR A 853 12.45 -7.02 -1.58
C TYR A 853 11.49 -6.12 -0.82
N GLY A 854 11.44 -6.33 0.49
CA GLY A 854 10.52 -5.59 1.36
C GLY A 854 10.94 -4.15 1.52
N CYS A 855 9.95 -3.30 1.64
CA CYS A 855 10.16 -1.84 1.74
C CYS A 855 8.94 -1.25 2.45
N LEU A 856 9.15 -0.60 3.59
CA LEU A 856 8.06 -0.18 4.50
C LEU A 856 8.31 1.27 4.87
N PRO A 857 7.38 2.23 4.62
CA PRO A 857 7.46 3.53 5.30
C PRO A 857 7.16 3.33 6.79
N THR A 858 7.85 4.03 7.70
CA THR A 858 7.60 3.85 9.17
C THR A 858 7.31 5.16 9.89
N GLY A 859 7.73 6.28 9.31
CA GLY A 859 7.47 7.60 9.88
C GLY A 859 7.83 8.69 8.90
N ASP A 860 7.95 9.91 9.41
CA ASP A 860 8.17 11.12 8.58
C ASP A 860 9.48 10.96 7.81
N ARG A 861 9.44 10.83 6.48
CA ARG A 861 10.63 10.64 5.62
C ARG A 861 11.53 9.56 6.20
N THR A 862 10.91 8.50 6.68
CA THR A 862 11.63 7.35 7.29
C THR A 862 11.02 6.05 6.79
N GLY A 863 11.88 5.09 6.54
CA GLY A 863 11.46 3.73 6.14
C GLY A 863 12.53 2.69 6.34
N LEU A 864 12.14 1.44 6.17
CA LEU A 864 13.10 0.33 6.16
C LEU A 864 13.06 -0.33 4.79
N ILE A 865 14.16 -0.98 4.47
CA ILE A 865 14.37 -1.79 3.24
C ILE A 865 14.96 -3.13 3.67
N GLU A 866 14.48 -4.22 3.09
CA GLU A 866 15.06 -5.56 3.26
C GLU A 866 16.27 -5.65 2.36
N VAL A 867 17.41 -5.94 2.95
CA VAL A 867 18.67 -6.10 2.17
C VAL A 867 18.60 -7.41 1.37
N VAL A 868 18.97 -7.31 0.10
CA VAL A 868 19.24 -8.49 -0.76
C VAL A 868 20.75 -8.76 -0.67
N LEU A 869 21.11 -9.84 -0.01
CA LEU A 869 22.52 -10.22 0.24
C LEU A 869 23.10 -10.89 -1.01
N HIS A 870 24.38 -11.21 -0.98
CA HIS A 870 25.08 -11.93 -2.08
C HIS A 870 24.78 -11.23 -3.40
N SER A 871 24.98 -9.92 -3.43
CA SER A 871 24.70 -9.11 -4.63
C SER A 871 25.77 -8.03 -4.74
N ASP A 872 25.93 -7.43 -5.90
CA ASP A 872 26.84 -6.28 -6.07
C ASP A 872 26.23 -5.35 -7.13
N THR A 873 26.68 -4.09 -7.20
CA THR A 873 26.14 -3.09 -8.16
C THR A 873 26.74 -3.34 -9.55
N ILE A 874 25.97 -3.01 -10.59
CA ILE A 874 26.47 -3.10 -11.99
C ILE A 874 27.67 -2.15 -12.09
N ALA A 875 27.52 -0.94 -11.57
CA ALA A 875 28.59 0.09 -11.57
C ALA A 875 29.85 -0.56 -11.00
N ASN A 876 29.74 -1.23 -9.84
CA ASN A 876 30.89 -1.82 -9.12
C ASN A 876 31.58 -2.87 -9.99
N ILE A 877 30.82 -3.80 -10.57
CA ILE A 877 31.38 -4.91 -11.39
C ILE A 877 32.07 -4.31 -12.64
N GLN A 878 31.44 -3.28 -13.24
CA GLN A 878 31.91 -2.61 -14.49
C GLN A 878 33.13 -1.70 -14.24
N LEU A 879 33.55 -1.47 -12.98
CA LEU A 879 34.87 -0.83 -12.69
C LEU A 879 35.99 -1.74 -13.22
N ASN A 880 35.71 -3.04 -13.35
CA ASN A 880 36.62 -4.01 -14.01
C ASN A 880 37.97 -3.92 -13.30
N LYS A 881 37.94 -4.05 -11.99
CA LYS A 881 39.11 -3.91 -11.09
C LYS A 881 40.08 -5.06 -11.42
N SER A 882 41.39 -4.81 -11.32
CA SER A 882 42.45 -5.82 -11.55
C SER A 882 42.53 -6.79 -10.35
N ASN A 883 43.14 -7.96 -10.54
CA ASN A 883 43.45 -8.95 -9.46
C ASN A 883 42.14 -9.54 -8.94
N MET A 884 41.11 -9.64 -9.79
CA MET A 884 39.78 -10.20 -9.42
C MET A 884 39.46 -11.35 -10.38
N ALA A 885 38.51 -12.23 -10.00
CA ALA A 885 38.07 -13.36 -10.83
C ALA A 885 37.23 -12.84 -12.02
N ALA A 886 36.73 -11.60 -11.95
CA ALA A 886 35.91 -10.92 -12.98
C ALA A 886 36.76 -10.14 -14.01
N THR A 887 38.03 -9.81 -13.71
CA THR A 887 38.88 -8.94 -14.60
C THR A 887 38.83 -9.43 -16.05
N ALA A 888 38.72 -8.51 -17.03
CA ALA A 888 38.37 -8.83 -18.44
C ALA A 888 39.23 -8.08 -19.48
N ALA A 889 39.32 -8.64 -20.68
CA ALA A 889 40.04 -8.04 -21.84
C ALA A 889 39.27 -6.84 -22.42
N PHE A 890 37.94 -6.90 -22.46
CA PHE A 890 37.03 -5.82 -22.93
C PHE A 890 35.99 -5.52 -21.82
N ASN A 891 35.68 -4.26 -21.55
CA ASN A 891 34.76 -3.85 -20.45
C ASN A 891 33.41 -4.57 -20.60
N LYS A 892 32.95 -4.82 -21.83
CA LYS A 892 31.70 -5.58 -22.12
C LYS A 892 31.72 -7.01 -21.53
N ASP A 893 32.87 -7.63 -21.24
CA ASP A 893 32.88 -9.02 -20.68
C ASP A 893 32.96 -9.05 -19.14
N ALA A 894 33.03 -7.90 -18.47
CA ALA A 894 33.18 -7.81 -17.00
C ALA A 894 31.96 -8.45 -16.32
N LEU A 895 30.75 -8.14 -16.80
CA LEU A 895 29.50 -8.66 -16.14
C LEU A 895 29.43 -10.17 -16.33
N LEU A 896 29.74 -10.65 -17.53
CA LEU A 896 29.71 -12.09 -17.87
C LEU A 896 30.80 -12.83 -17.10
N ASN A 897 32.02 -12.28 -17.00
CA ASN A 897 33.12 -12.93 -16.22
C ASN A 897 32.70 -13.04 -14.75
N TRP A 898 31.98 -12.05 -14.24
CA TRP A 898 31.56 -12.06 -12.82
C TRP A 898 30.58 -13.22 -12.63
N LEU A 899 29.60 -13.33 -13.50
CA LEU A 899 28.59 -14.42 -13.41
C LEU A 899 29.29 -15.77 -13.44
N LYS A 900 30.29 -15.91 -14.32
CA LYS A 900 31.08 -17.17 -14.43
C LYS A 900 31.77 -17.46 -13.10
N SER A 901 32.40 -16.47 -12.46
CA SER A 901 33.15 -16.65 -11.18
C SER A 901 32.21 -17.13 -10.06
N LYS A 902 30.95 -16.66 -10.09
CA LYS A 902 29.92 -17.00 -9.08
C LYS A 902 29.16 -18.27 -9.44
N ASN A 903 29.21 -18.68 -10.72
CA ASN A 903 28.43 -19.85 -11.21
C ASN A 903 29.30 -20.66 -12.17
N PRO A 904 30.32 -21.40 -11.66
CA PRO A 904 31.21 -22.18 -12.53
C PRO A 904 30.47 -23.40 -13.08
N GLY A 905 31.15 -24.17 -13.93
CA GLY A 905 30.61 -25.42 -14.51
C GLY A 905 29.28 -25.20 -15.23
N GLU A 906 28.30 -26.05 -14.94
CA GLU A 906 26.98 -26.11 -15.64
C GLU A 906 26.03 -25.05 -15.08
N ALA A 907 26.34 -24.50 -13.90
CA ALA A 907 25.52 -23.51 -13.17
C ALA A 907 25.46 -22.19 -13.95
N LEU A 908 26.43 -21.90 -14.83
CA LEU A 908 26.46 -20.63 -15.61
C LEU A 908 25.18 -20.47 -16.43
N ASP A 909 24.76 -21.55 -17.08
CA ASP A 909 23.56 -21.56 -17.95
C ASP A 909 22.36 -21.07 -17.14
N ARG A 910 22.18 -21.56 -15.91
CA ARG A 910 21.00 -21.16 -15.07
C ARG A 910 21.12 -19.64 -14.79
N ALA A 911 22.31 -19.14 -14.52
CA ALA A 911 22.52 -17.73 -14.11
C ALA A 911 22.26 -16.79 -15.30
N ILE A 912 22.69 -17.12 -16.53
CA ILE A 912 22.38 -16.29 -17.73
C ILE A 912 20.87 -16.26 -17.95
N GLU A 913 20.19 -17.37 -17.67
CA GLU A 913 18.71 -17.44 -17.83
C GLU A 913 18.05 -16.49 -16.79
N GLU A 914 18.47 -16.59 -15.53
CA GLU A 914 17.96 -15.74 -14.40
C GLU A 914 18.17 -14.27 -14.75
N PHE A 915 19.34 -13.96 -15.31
CA PHE A 915 19.69 -12.61 -15.78
C PHE A 915 18.72 -12.21 -16.87
N THR A 916 18.44 -13.10 -17.82
CA THR A 916 17.62 -12.78 -18.99
C THR A 916 16.16 -12.57 -18.56
N LEU A 917 15.61 -13.44 -17.72
CA LEU A 917 14.18 -13.34 -17.26
C LEU A 917 13.96 -12.03 -16.50
N SER A 918 14.83 -11.75 -15.52
CA SER A 918 14.76 -10.56 -14.64
C SER A 918 14.97 -9.29 -15.48
N CYS A 919 15.88 -9.34 -16.44
CA CYS A 919 16.09 -8.23 -17.39
C CYS A 919 14.78 -7.92 -18.12
N ALA A 920 14.07 -8.92 -18.59
CA ALA A 920 12.81 -8.69 -19.33
C ALA A 920 11.78 -8.09 -18.37
N GLY A 921 11.66 -8.65 -17.18
CA GLY A 921 10.70 -8.13 -16.20
C GLY A 921 10.95 -6.67 -15.88
N TYR A 922 12.18 -6.30 -15.54
CA TYR A 922 12.48 -4.91 -15.15
C TYR A 922 12.37 -4.02 -16.39
N CYS A 923 12.78 -4.48 -17.57
CA CYS A 923 12.63 -3.69 -18.82
C CYS A 923 11.14 -3.31 -18.97
N VAL A 924 10.24 -4.32 -18.86
CA VAL A 924 8.78 -4.11 -19.09
C VAL A 924 8.21 -3.25 -17.95
N ALA A 925 8.55 -3.58 -16.70
CA ALA A 925 8.05 -2.82 -15.53
C ALA A 925 8.42 -1.34 -15.67
N THR A 926 9.68 -1.01 -15.92
CA THR A 926 10.15 0.40 -15.98
C THR A 926 9.50 1.12 -17.17
N TYR A 927 9.34 0.43 -18.30
CA TYR A 927 8.68 1.01 -19.49
C TYR A 927 7.22 1.33 -19.13
N VAL A 928 6.48 0.40 -18.54
CA VAL A 928 5.02 0.61 -18.23
C VAL A 928 4.84 1.79 -17.27
N LEU A 929 5.71 1.90 -16.26
CA LEU A 929 5.57 2.86 -15.16
C LEU A 929 6.24 4.19 -15.55
N GLY A 930 6.99 4.23 -16.64
CA GLY A 930 7.52 5.49 -17.19
C GLY A 930 8.73 5.90 -16.40
N ILE A 931 9.56 4.92 -16.07
CA ILE A 931 10.86 5.13 -15.39
C ILE A 931 11.96 5.06 -16.45
N GLY A 932 12.46 6.23 -16.89
CA GLY A 932 13.63 6.35 -17.79
C GLY A 932 14.92 6.40 -17.00
N ASP A 933 15.58 7.57 -16.98
CA ASP A 933 16.81 7.91 -16.20
C ASP A 933 17.43 6.66 -15.53
N ARG A 934 17.90 5.70 -16.33
CA ARG A 934 18.57 4.47 -15.81
C ARG A 934 20.09 4.67 -15.85
N HIS A 935 20.81 4.04 -14.91
CA HIS A 935 22.29 4.02 -14.81
C HIS A 935 22.73 2.91 -13.84
N SER A 936 23.99 2.50 -13.93
CA SER A 936 24.53 1.23 -13.36
C SER A 936 24.61 1.29 -11.83
N ASP A 937 24.61 2.49 -11.26
CA ASP A 937 24.61 2.75 -9.79
C ASP A 937 23.27 2.27 -9.19
N ASN A 938 22.17 2.34 -9.94
CA ASN A 938 20.83 2.02 -9.39
C ASN A 938 20.47 0.55 -9.68
N ILE A 939 21.30 -0.17 -10.44
CA ILE A 939 20.99 -1.58 -10.80
C ILE A 939 21.95 -2.51 -10.06
N MET A 940 21.39 -3.54 -9.44
CA MET A 940 22.16 -4.53 -8.73
C MET A 940 21.98 -5.90 -9.37
N ILE A 941 22.98 -6.75 -9.20
CA ILE A 941 22.92 -8.16 -9.67
C ILE A 941 23.20 -9.12 -8.51
N ARG A 942 22.34 -10.13 -8.41
CA ARG A 942 22.54 -11.24 -7.44
C ARG A 942 23.50 -12.27 -8.03
N GLU A 943 24.15 -13.02 -7.15
CA GLU A 943 25.15 -14.05 -7.53
C GLU A 943 24.43 -15.12 -8.34
N SER A 944 23.11 -15.24 -8.19
CA SER A 944 22.24 -16.11 -9.02
C SER A 944 22.11 -15.61 -10.46
N GLY A 945 22.49 -14.36 -10.75
CA GLY A 945 22.28 -13.74 -12.07
C GLY A 945 21.09 -12.81 -12.09
N GLN A 946 20.22 -12.82 -11.07
CA GLN A 946 19.04 -11.92 -11.07
C GLN A 946 19.45 -10.44 -10.97
N LEU A 947 18.88 -9.63 -11.83
CA LEU A 947 19.05 -8.17 -11.84
C LEU A 947 17.88 -7.54 -11.06
N PHE A 948 18.12 -6.48 -10.27
CA PHE A 948 17.06 -5.70 -9.57
C PHE A 948 17.46 -4.24 -9.43
N HIS A 949 16.50 -3.37 -9.13
CA HIS A 949 16.67 -1.90 -9.10
C HIS A 949 16.62 -1.42 -7.64
N ILE A 950 17.54 -0.54 -7.27
CA ILE A 950 17.60 0.06 -5.91
C ILE A 950 17.33 1.57 -5.96
N ASP A 951 17.13 2.17 -7.12
CA ASP A 951 16.65 3.57 -7.19
C ASP A 951 15.86 3.77 -8.48
N PHE A 952 14.94 4.75 -8.50
CA PHE A 952 14.04 5.10 -9.64
C PHE A 952 14.25 6.60 -9.94
N GLY A 953 13.24 7.51 -9.89
CA GLY A 953 11.81 7.28 -10.04
C GLY A 953 11.00 8.38 -9.34
N HIS A 954 10.56 9.45 -10.03
CA HIS A 954 10.74 9.77 -11.45
C HIS A 954 9.95 8.80 -12.33
N PHE A 955 8.61 8.79 -12.21
CA PHE A 955 7.69 7.84 -12.91
C PHE A 955 6.54 8.60 -13.61
N LEU A 956 5.71 7.85 -14.32
CA LEU A 956 4.64 8.38 -15.21
C LEU A 956 5.19 9.55 -16.04
N GLY A 957 6.40 9.37 -16.60
CA GLY A 957 7.09 10.33 -17.48
C GLY A 957 7.24 11.70 -16.85
N ASN A 958 7.42 11.75 -15.53
CA ASN A 958 7.68 12.99 -14.75
C ASN A 958 9.19 13.02 -14.47
N PHE A 959 9.96 13.31 -15.52
CA PHE A 959 11.41 13.63 -15.51
C PHE A 959 11.73 14.56 -14.33
N ARG A 969 7.31 11.16 -21.98
CA ARG A 969 7.18 9.85 -22.69
C ARG A 969 8.54 9.13 -22.74
N VAL A 970 8.80 8.23 -21.78
CA VAL A 970 10.12 7.52 -21.71
C VAL A 970 10.06 6.36 -22.71
N PRO A 971 11.10 6.16 -23.55
CA PRO A 971 11.16 4.97 -24.40
C PRO A 971 11.47 3.73 -23.56
N PHE A 972 11.15 2.56 -24.11
CA PHE A 972 11.71 1.25 -23.70
C PHE A 972 13.24 1.40 -23.72
N ILE A 973 13.94 0.79 -22.76
CA ILE A 973 15.42 0.93 -22.58
C ILE A 973 16.10 -0.44 -22.63
N LEU A 974 16.93 -0.67 -23.65
CA LEU A 974 17.85 -1.83 -23.74
C LEU A 974 19.29 -1.35 -23.56
N THR A 975 20.07 -2.05 -22.72
CA THR A 975 21.48 -1.76 -22.37
C THR A 975 22.39 -2.78 -23.06
N TYR A 976 23.29 -2.33 -23.92
CA TYR A 976 24.20 -3.19 -24.72
C TYR A 976 24.93 -4.20 -23.82
N ASP A 977 25.38 -3.79 -22.64
CA ASP A 977 26.17 -4.69 -21.74
C ASP A 977 25.26 -5.82 -21.24
N PHE A 978 23.97 -5.55 -21.07
CA PHE A 978 22.98 -6.58 -20.65
C PHE A 978 22.59 -7.43 -21.86
N VAL A 979 22.31 -6.82 -23.02
CA VAL A 979 22.07 -7.57 -24.29
C VAL A 979 23.26 -8.55 -24.46
N HIS A 980 24.47 -8.11 -24.12
CA HIS A 980 25.70 -8.90 -24.33
C HIS A 980 25.69 -10.14 -23.43
N VAL A 981 25.21 -10.05 -22.18
CA VAL A 981 25.12 -11.25 -21.28
C VAL A 981 24.01 -12.17 -21.80
N ILE A 982 22.93 -11.58 -22.27
CA ILE A 982 21.72 -12.34 -22.73
C ILE A 982 22.19 -13.21 -23.91
N GLN A 983 23.04 -12.63 -24.75
CA GLN A 983 23.58 -13.28 -25.98
C GLN A 983 24.80 -14.13 -25.64
N GLN A 984 24.97 -14.49 -24.36
CA GLN A 984 25.99 -15.46 -23.87
C GLN A 984 27.40 -15.00 -24.28
N GLY A 985 27.53 -13.70 -24.54
CA GLY A 985 28.81 -13.01 -24.84
C GLY A 985 29.09 -12.98 -26.33
N LYS A 986 28.19 -13.51 -27.15
CA LYS A 986 28.38 -13.57 -28.62
C LYS A 986 27.90 -12.25 -29.23
N THR A 987 28.51 -11.85 -30.34
CA THR A 987 28.15 -10.62 -31.09
C THR A 987 26.77 -10.82 -31.69
N ASN A 988 26.57 -12.02 -32.24
CA ASN A 988 25.33 -12.42 -32.93
C ASN A 988 24.77 -13.63 -32.20
N ASN A 989 23.53 -13.52 -31.71
CA ASN A 989 22.86 -14.67 -31.04
C ASN A 989 21.36 -14.40 -31.10
N SER A 990 20.80 -14.34 -32.29
CA SER A 990 19.37 -14.02 -32.48
C SER A 990 18.56 -15.05 -31.69
N GLU A 991 19.07 -16.25 -31.49
CA GLU A 991 18.30 -17.34 -30.84
C GLU A 991 18.01 -16.89 -29.40
N LYS A 992 19.05 -16.49 -28.68
CA LYS A 992 18.92 -16.06 -27.26
C LYS A 992 18.23 -14.70 -27.21
N PHE A 993 18.59 -13.76 -28.11
CA PHE A 993 18.04 -12.39 -28.09
C PHE A 993 16.53 -12.44 -28.33
N GLU A 994 16.08 -13.28 -29.26
CA GLU A 994 14.63 -13.30 -29.63
C GLU A 994 13.81 -13.98 -28.52
N ARG A 995 14.40 -14.93 -27.80
CA ARG A 995 13.78 -15.60 -26.63
C ARG A 995 13.55 -14.51 -25.57
N PHE A 996 14.57 -13.67 -25.37
CA PHE A 996 14.47 -12.50 -24.48
C PHE A 996 13.33 -11.57 -24.93
N ARG A 997 13.22 -11.25 -26.22
CA ARG A 997 12.13 -10.40 -26.75
C ARG A 997 10.79 -11.11 -26.46
N GLY A 998 10.76 -12.43 -26.59
CA GLY A 998 9.57 -13.28 -26.31
C GLY A 998 9.07 -13.00 -24.89
N TYR A 999 9.98 -13.05 -23.94
CA TYR A 999 9.71 -12.88 -22.49
C TYR A 999 9.11 -11.49 -22.30
N CYS A 1000 9.76 -10.46 -22.86
CA CYS A 1000 9.29 -9.05 -22.80
C CYS A 1000 7.86 -8.96 -23.33
N GLU A 1001 7.56 -9.58 -24.48
CA GLU A 1001 6.22 -9.48 -25.09
C GLU A 1001 5.16 -10.15 -24.22
N ARG A 1002 5.46 -11.33 -23.69
CA ARG A 1002 4.55 -12.11 -22.81
C ARG A 1002 4.27 -11.33 -21.53
N ALA A 1003 5.34 -10.79 -20.92
CA ALA A 1003 5.22 -9.91 -19.76
C ALA A 1003 4.27 -8.74 -20.07
N TYR A 1004 4.45 -8.05 -21.21
CA TYR A 1004 3.68 -6.83 -21.58
C TYR A 1004 2.22 -7.24 -21.80
N THR A 1005 2.00 -8.37 -22.49
CA THR A 1005 0.61 -8.80 -22.81
C THR A 1005 -0.13 -9.19 -21.51
N ILE A 1006 0.54 -9.76 -20.51
CA ILE A 1006 -0.14 -10.14 -19.25
C ILE A 1006 -0.55 -8.84 -18.53
N LEU A 1007 0.33 -7.83 -18.48
CA LEU A 1007 0.03 -6.53 -17.82
C LEU A 1007 -1.17 -5.85 -18.49
N ARG A 1008 -1.24 -5.84 -19.83
CA ARG A 1008 -2.36 -5.25 -20.61
C ARG A 1008 -3.69 -5.86 -20.17
N ARG A 1009 -3.75 -7.16 -19.93
CA ARG A 1009 -4.98 -7.90 -19.58
C ARG A 1009 -5.43 -7.48 -18.18
N HIS A 1010 -4.51 -6.95 -17.37
CA HIS A 1010 -4.80 -6.50 -15.97
C HIS A 1010 -4.73 -4.98 -15.93
N GLY A 1011 -4.76 -4.32 -17.10
CA GLY A 1011 -4.71 -2.86 -17.27
C GLY A 1011 -5.65 -2.14 -16.32
N LEU A 1012 -6.89 -2.61 -16.22
CA LEU A 1012 -7.93 -1.96 -15.36
C LEU A 1012 -7.50 -1.97 -13.90
N LEU A 1013 -6.92 -3.07 -13.41
CA LEU A 1013 -6.48 -3.16 -12.00
C LEU A 1013 -5.44 -2.05 -11.74
N PHE A 1014 -4.41 -1.90 -12.55
CA PHE A 1014 -3.41 -0.81 -12.39
C PHE A 1014 -4.13 0.56 -12.41
N LEU A 1015 -5.00 0.81 -13.38
CA LEU A 1015 -5.72 2.11 -13.46
C LEU A 1015 -6.56 2.33 -12.19
N HIS A 1016 -7.32 1.33 -11.75
CA HIS A 1016 -8.16 1.49 -10.52
C HIS A 1016 -7.29 1.78 -9.29
N LEU A 1017 -6.19 1.05 -9.12
CA LEU A 1017 -5.25 1.24 -7.98
C LEU A 1017 -4.60 2.62 -8.05
N PHE A 1018 -4.08 3.03 -9.20
CA PHE A 1018 -3.47 4.38 -9.39
C PHE A 1018 -4.49 5.49 -9.11
N ALA A 1019 -5.78 5.27 -9.41
CA ALA A 1019 -6.86 6.25 -9.18
C ALA A 1019 -7.07 6.39 -7.67
N LEU A 1020 -7.07 5.28 -6.91
CA LEU A 1020 -7.18 5.34 -5.42
C LEU A 1020 -5.98 6.11 -4.84
N MET A 1021 -4.82 6.03 -5.50
CA MET A 1021 -3.53 6.58 -4.99
C MET A 1021 -3.51 8.10 -5.13
N ARG A 1022 -4.44 8.70 -5.88
CA ARG A 1022 -4.53 10.18 -5.98
C ARG A 1022 -4.95 10.78 -4.63
N ALA A 1023 -5.42 9.96 -3.69
CA ALA A 1023 -5.69 10.34 -2.28
C ALA A 1023 -4.38 10.66 -1.53
N ALA A 1024 -3.23 10.15 -1.98
CA ALA A 1024 -1.96 10.15 -1.21
C ALA A 1024 -1.26 11.51 -1.31
N GLY A 1025 -1.57 12.32 -2.34
CA GLY A 1025 -0.91 13.61 -2.60
C GLY A 1025 0.57 13.39 -2.91
N LEU A 1026 0.88 12.45 -3.81
CA LEU A 1026 2.23 12.26 -4.38
C LEU A 1026 2.40 13.34 -5.43
N PRO A 1027 3.48 14.15 -5.39
CA PRO A 1027 3.76 15.15 -6.41
C PRO A 1027 3.58 14.71 -7.88
N GLU A 1028 3.90 13.46 -8.22
CA GLU A 1028 3.91 12.97 -9.63
C GLU A 1028 2.71 12.04 -9.89
N LEU A 1029 1.71 12.02 -9.00
CA LEU A 1029 0.41 11.32 -9.20
C LEU A 1029 -0.72 12.26 -8.77
N SER A 1030 -0.90 13.31 -9.57
CA SER A 1030 -1.67 14.55 -9.27
C SER A 1030 -3.01 14.57 -10.03
N CYS A 1031 -3.01 14.20 -11.32
CA CYS A 1031 -4.11 14.50 -12.29
C CYS A 1031 -4.25 13.38 -13.34
N SER A 1032 -5.12 13.62 -14.34
CA SER A 1032 -5.47 12.67 -15.43
C SER A 1032 -4.29 12.43 -16.36
N LYS A 1033 -3.36 13.38 -16.47
CA LYS A 1033 -2.18 13.27 -17.38
C LYS A 1033 -1.22 12.21 -16.84
N ASP A 1034 -1.11 12.08 -15.52
CA ASP A 1034 -0.32 10.99 -14.84
C ASP A 1034 -0.98 9.64 -15.13
N ILE A 1035 -2.30 9.51 -14.92
CA ILE A 1035 -3.10 8.25 -15.16
C ILE A 1035 -3.08 7.89 -16.65
N GLN A 1036 -3.18 8.90 -17.54
CA GLN A 1036 -3.21 8.74 -19.02
C GLN A 1036 -1.91 8.08 -19.51
N TYR A 1037 -0.79 8.38 -18.86
CA TYR A 1037 0.53 7.73 -19.13
C TYR A 1037 0.43 6.20 -19.07
N LEU A 1038 -0.28 5.66 -18.08
CA LEU A 1038 -0.47 4.18 -17.93
C LEU A 1038 -1.26 3.66 -19.14
N LYS A 1039 -2.37 4.33 -19.47
CA LYS A 1039 -3.25 3.98 -20.60
C LYS A 1039 -2.41 3.85 -21.87
N ASP A 1040 -1.52 4.82 -22.11
CA ASP A 1040 -0.68 4.84 -23.34
C ASP A 1040 0.36 3.72 -23.25
N SER A 1041 0.99 3.54 -22.08
CA SER A 1041 2.12 2.58 -21.98
C SER A 1041 1.58 1.15 -22.17
N LEU A 1042 0.35 0.89 -21.71
CA LEU A 1042 -0.29 -0.45 -21.84
C LEU A 1042 -1.12 -0.51 -23.13
N ALA A 1043 -1.46 0.63 -23.73
CA ALA A 1043 -2.21 0.74 -25.00
C ALA A 1043 -3.57 0.06 -24.87
N LEU A 1044 -4.34 0.38 -23.84
CA LEU A 1044 -5.60 -0.36 -23.51
C LEU A 1044 -6.69 -0.04 -24.54
N GLY A 1045 -6.51 1.03 -25.33
CA GLY A 1045 -7.46 1.45 -26.39
C GLY A 1045 -7.35 0.57 -27.64
N LYS A 1046 -6.16 0.05 -27.92
CA LYS A 1046 -5.87 -0.82 -29.08
C LYS A 1046 -6.33 -2.26 -28.78
N THR A 1047 -6.35 -3.07 -29.83
CA THR A 1047 -6.52 -4.55 -29.73
C THR A 1047 -5.16 -5.13 -29.35
N GLU A 1048 -5.12 -6.30 -28.72
CA GLU A 1048 -3.84 -6.99 -28.40
C GLU A 1048 -2.87 -6.97 -29.60
N GLU A 1049 -3.39 -7.05 -30.84
CA GLU A 1049 -2.52 -7.16 -32.06
C GLU A 1049 -1.91 -5.78 -32.35
N GLU A 1050 -2.69 -4.72 -32.21
CA GLU A 1050 -2.25 -3.33 -32.45
C GLU A 1050 -1.26 -2.92 -31.35
N ALA A 1051 -1.59 -3.25 -30.09
CA ALA A 1051 -0.74 -3.02 -28.90
C ALA A 1051 0.62 -3.69 -29.11
N LEU A 1052 0.60 -5.00 -29.37
CA LEU A 1052 1.81 -5.85 -29.54
C LEU A 1052 2.63 -5.32 -30.73
N LYS A 1053 1.96 -4.74 -31.74
CA LYS A 1053 2.61 -4.09 -32.91
C LYS A 1053 3.32 -2.81 -32.46
N HIS A 1054 2.60 -1.99 -31.69
CA HIS A 1054 3.12 -0.73 -31.10
C HIS A 1054 4.35 -1.08 -30.24
N PHE A 1055 4.24 -2.12 -29.42
CA PHE A 1055 5.31 -2.56 -28.47
C PHE A 1055 6.55 -2.93 -29.28
N ARG A 1056 6.36 -3.65 -30.39
CA ARG A 1056 7.48 -4.13 -31.26
C ARG A 1056 8.23 -2.94 -31.88
N VAL A 1057 7.55 -1.82 -32.15
CA VAL A 1057 8.20 -0.59 -32.68
C VAL A 1057 9.14 -0.06 -31.59
N LYS A 1058 8.61 0.08 -30.37
CA LYS A 1058 9.33 0.67 -29.20
C LYS A 1058 10.57 -0.17 -28.88
N PHE A 1059 10.43 -1.49 -28.94
CA PHE A 1059 11.49 -2.47 -28.62
C PHE A 1059 12.63 -2.35 -29.64
N ASN A 1060 12.31 -2.45 -30.93
CA ASN A 1060 13.29 -2.32 -32.05
C ASN A 1060 13.98 -0.96 -32.00
N GLU A 1061 13.22 0.11 -31.73
CA GLU A 1061 13.78 1.45 -31.49
C GLU A 1061 14.85 1.41 -30.39
N ALA A 1062 14.52 0.78 -29.24
CA ALA A 1062 15.43 0.67 -28.07
C ALA A 1062 16.64 -0.17 -28.46
N LEU A 1063 16.47 -1.11 -29.38
CA LEU A 1063 17.58 -1.98 -29.88
C LEU A 1063 18.59 -1.15 -30.69
N ARG A 1064 18.13 -0.29 -31.60
CA ARG A 1064 18.94 0.63 -32.44
C ARG A 1064 19.69 1.61 -31.53
N GLU A 1065 18.97 2.19 -30.56
CA GLU A 1065 19.51 3.08 -29.49
C GLU A 1065 20.75 2.43 -28.86
N SER A 1066 20.68 1.14 -28.51
CA SER A 1066 21.82 0.33 -28.02
C SER A 1066 22.99 0.43 -29.03
N TRP A 1067 23.86 1.43 -28.88
CA TRP A 1067 24.95 1.82 -29.82
C TRP A 1067 24.38 1.99 -31.24
C1 VEH B . 20.54 3.53 -3.29
O4 VEH B . 19.39 3.22 0.41
O5 VEH B . 21.36 2.13 -0.70
C7 VEH B . 19.51 0.04 -1.21
C8 VEH B . 18.72 -1.08 -1.56
C9 VEH B . 17.42 -0.85 -2.00
C10 VEH B . 16.93 0.40 -2.02
C11 VEH B . 15.57 0.88 -2.42
C13 VEH B . 14.45 3.17 -2.44
C15 VEH B . 14.18 3.07 -3.93
C16 VEH B . 13.25 2.62 -1.67
C19 VEH B . 16.83 2.72 -1.81
C21 VEH B . 17.68 1.52 -1.67
C22 VEH B . 19.30 -2.42 -1.52
C24 VEH B . 20.93 -4.32 -1.49
N25 VEH B . 21.92 -5.30 -1.40
C27 VEH B . 24.24 -6.01 -1.31
C30 VEH B . 24.86 -3.31 -1.60
C32 VEH B . 25.12 -1.84 -1.75
C35 VEH B . 24.19 0.51 -2.25
N2 VEH B . 19.91 3.74 -1.97
S3 VEH B . 20.01 2.66 -0.73
C6 VEH B . 18.98 1.31 -1.21
N12 VEH B . 15.58 2.33 -2.19
C17 VEH B . 13.19 3.02 -0.20
C18 VEH B . 12.22 3.67 -1.20
O20 VEH B . 17.17 3.88 -1.57
S23 VEH B . 21.05 -2.57 -1.52
C26 VEH B . 23.28 -4.99 -1.42
C28 VEH B . 25.61 -5.66 -1.38
C29 VEH B . 25.90 -4.30 -1.54
N31 VEH B . 23.57 -3.70 -1.54
O33 VEH B . 26.24 -1.40 -1.45
N34 VEH B . 24.13 -0.98 -2.14
C36 VEH B . 24.63 1.04 -3.58
C37 VEH B . 24.92 2.54 -3.41
N38 VEH B . 25.03 3.21 -4.70
C39 VEH B . 25.47 4.60 -4.51
C40 VEH B . 25.91 2.51 -5.67
N41 VEH B . 19.67 -4.67 -1.43
C42 VEH B . 18.77 -3.66 -1.48
C43 VEH B . 17.28 -3.93 -1.48
NA NA C . 28.06 -2.58 2.53
O4 PGE D . 0.46 -12.53 3.64
C6 PGE D . -0.63 -11.57 3.79
C5 PGE D . -1.98 -12.22 4.00
O3 PGE D . -1.95 -13.25 5.00
#